data_2ZEB
#
_entry.id   2ZEB
#
_cell.length_a   82.670
_cell.length_b   82.670
_cell.length_c   171.565
_cell.angle_alpha   90.000
_cell.angle_beta   90.000
_cell.angle_gamma   90.000
#
_symmetry.space_group_name_H-M   'P 41'
#
loop_
_entity.id
_entity.type
_entity.pdbx_description
1 polymer 'Tryptase beta 2'
2 non-polymer "1-(1'-{[3-(methylsulfanyl)-2-benzothiophen-1-yl]carbonyl}spiro[1-benzofuran-3,4'-piperidin]-5-yl)methanamine"
3 water water
#
_entity_poly.entity_id   1
_entity_poly.type   'polypeptide(L)'
_entity_poly.pdbx_seq_one_letter_code
;IVGGQEAPRSKWPWQVSLRVHGPYWMHFCGGSLIHPQWVLTAAHCVGPDVKDLAALRVQLREQHLYYQDQLLPVSRIIVH
PQFYTAQIGADIALLELEEPVKVSSHVHTVTLPPASETFPPGMPCWVTGWGDVDNDERLPPPFPLKQVKVPIMENHICDA
KYHLGAYTGDDVRIVRDDMLCAGNTRRDSCQGDSGGPLVCKVNGTWLQAGVVSWGEGCAQPNRPGIYTRVTYYLDWIHHY
VPK
;
_entity_poly.pdbx_strand_id   A,B,C,D
#
loop_
_chem_comp.id
_chem_comp.type
_chem_comp.name
_chem_comp.formula
11M non-polymer 1-(1'-{[3-(methylsulfanyl)-2-benzothiophen-1-yl]carbonyl}spiro[1-benzofuran-3,4'-piperidin]-5-yl)methanamine 'C23 H24 N2 O2 S2'
#
# COMPACT_ATOMS: atom_id res chain seq x y z
N ILE A 1 13.33 1.41 17.72
CA ILE A 1 13.57 2.24 18.88
C ILE A 1 12.81 3.56 18.72
N VAL A 2 11.92 3.86 19.67
CA VAL A 2 11.24 5.14 19.68
C VAL A 2 12.03 6.08 20.59
N GLY A 3 12.26 7.31 20.15
CA GLY A 3 13.14 8.20 20.91
C GLY A 3 14.56 7.66 20.93
N GLY A 4 15.37 8.11 21.87
CA GLY A 4 16.75 7.67 21.90
C GLY A 4 17.46 7.95 20.57
N GLN A 5 18.71 7.52 20.44
CA GLN A 5 19.51 7.94 19.28
C GLN A 5 20.36 6.86 18.67
N GLU A 6 21.17 7.26 17.69
CA GLU A 6 22.15 6.39 17.05
C GLU A 6 23.25 5.99 18.04
N ALA A 7 23.61 4.72 18.01
CA ALA A 7 24.56 4.15 18.95
C ALA A 7 26.01 4.39 18.54
N PRO A 8 26.90 4.66 19.50
CA PRO A 8 28.33 4.70 19.22
C PRO A 8 28.83 3.32 18.75
N ARG A 9 29.81 3.29 17.86
CA ARG A 9 30.26 2.03 17.28
C ARG A 9 30.77 1.03 18.31
N SER A 10 31.22 1.52 19.46
CA SER A 10 31.80 0.66 20.48
C SER A 10 30.78 -0.09 21.33
N LYS A 11 29.63 0.55 21.59
CA LYS A 11 28.58 -0.02 22.43
C LYS A 11 27.78 -1.14 21.79
N TRP A 12 27.22 -2.00 22.62
CA TRP A 12 26.37 -3.12 22.21
C TRP A 12 27.02 -4.06 21.20
N PRO A 13 28.19 -4.61 21.56
CA PRO A 13 28.90 -5.53 20.66
C PRO A 13 28.16 -6.86 20.53
N TRP A 14 27.18 -7.08 21.41
CA TRP A 14 26.41 -8.31 21.41
C TRP A 14 25.20 -8.26 20.48
N GLN A 15 24.88 -7.07 19.98
CA GLN A 15 23.69 -6.91 19.13
C GLN A 15 23.84 -7.63 17.77
N VAL A 16 22.82 -8.41 17.41
CA VAL A 16 22.81 -9.08 16.13
C VAL A 16 21.50 -8.76 15.39
N SER A 17 21.53 -8.92 14.07
CA SER A 17 20.35 -8.75 13.24
C SER A 17 19.99 -10.06 12.53
N LEU A 18 18.69 -10.37 12.50
CA LEU A 18 18.23 -11.61 11.85
C LEU A 18 17.71 -11.32 10.46
N ARG A 19 18.12 -12.15 9.51
CA ARG A 19 17.83 -11.91 8.10
C ARG A 19 17.02 -13.04 7.51
N VAL A 20 16.04 -12.69 6.70
CA VAL A 20 15.24 -13.67 6.01
C VAL A 20 15.53 -13.56 4.51
N HIS A 21 15.64 -14.68 3.83
CA HIS A 21 15.99 -14.64 2.42
C HIS A 21 14.84 -14.09 1.60
N GLY A 22 15.14 -13.13 0.75
CA GLY A 22 14.16 -12.62 -0.19
C GLY A 22 14.87 -11.97 -1.35
N PRO A 23 14.31 -10.87 -1.87
CA PRO A 23 14.97 -10.04 -2.88
C PRO A 23 16.32 -9.58 -2.35
N TYR A 24 16.40 -9.40 -1.04
CA TYR A 24 17.68 -9.19 -0.38
C TYR A 24 17.61 -9.88 0.98
N TRP A 25 18.74 -9.92 1.70
CA TRP A 25 18.70 -10.52 3.03
C TRP A 25 18.17 -9.51 4.02
N MET A 26 16.86 -9.55 4.26
CA MET A 26 16.19 -8.50 4.99
C MET A 26 16.14 -8.68 6.52
N HIS A 27 16.44 -7.61 7.25
CA HIS A 27 16.28 -7.61 8.70
C HIS A 27 14.83 -7.77 9.11
N PHE A 28 14.58 -8.67 10.05
CA PHE A 28 13.22 -8.82 10.56
C PHE A 28 13.14 -8.84 12.08
N CYS A 29 14.26 -9.14 12.74
CA CYS A 29 14.31 -9.23 14.21
C CYS A 29 15.71 -9.00 14.73
N GLY A 30 15.81 -8.60 15.99
CA GLY A 30 17.10 -8.47 16.65
C GLY A 30 17.46 -9.74 17.39
N GLY A 31 18.59 -9.72 18.09
CA GLY A 31 19.06 -10.85 18.85
C GLY A 31 20.27 -10.45 19.69
N SER A 32 20.75 -11.36 20.53
CA SER A 32 22.00 -11.08 21.20
C SER A 32 22.91 -12.30 21.26
N LEU A 33 24.20 -12.06 21.11
CA LEU A 33 25.21 -13.09 21.26
C LEU A 33 25.42 -13.35 22.75
N ILE A 34 25.12 -14.56 23.21
CA ILE A 34 25.26 -14.89 24.64
C ILE A 34 26.37 -15.92 24.84
N HIS A 35 26.94 -16.35 23.74
CA HIS A 35 27.95 -17.36 23.71
C HIS A 35 28.46 -17.31 22.30
N PRO A 36 29.75 -17.56 22.11
CA PRO A 36 30.38 -17.48 20.78
C PRO A 36 29.67 -18.31 19.72
N GLN A 37 28.85 -19.29 20.13
CA GLN A 37 28.10 -20.05 19.15
C GLN A 37 26.59 -19.96 19.34
N TRP A 38 26.13 -19.10 20.25
CA TRP A 38 24.71 -19.06 20.53
C TRP A 38 24.11 -17.65 20.63
N VAL A 39 23.02 -17.46 19.89
CA VAL A 39 22.25 -16.22 19.90
C VAL A 39 20.92 -16.43 20.61
N LEU A 40 20.58 -15.49 21.48
CA LEU A 40 19.29 -15.47 22.16
C LEU A 40 18.36 -14.56 21.37
N THR A 41 17.10 -14.98 21.20
CA THR A 41 16.15 -14.16 20.46
C THR A 41 14.70 -14.41 20.93
N ALA A 42 13.73 -13.84 20.23
CA ALA A 42 12.33 -14.04 20.59
C ALA A 42 11.74 -15.19 19.80
N ALA A 43 11.04 -16.09 20.49
CA ALA A 43 10.35 -17.20 19.81
C ALA A 43 9.40 -16.76 18.69
N HIS A 44 8.75 -15.60 18.85
CA HIS A 44 7.79 -15.19 17.82
C HIS A 44 8.46 -14.70 16.55
N CYS A 45 9.76 -14.47 16.62
CA CYS A 45 10.55 -14.14 15.43
C CYS A 45 10.71 -15.36 14.53
N VAL A 46 10.68 -16.55 15.12
CA VAL A 46 11.01 -17.75 14.37
C VAL A 46 9.96 -18.82 14.58
N GLY A 47 8.81 -18.44 15.12
CA GLY A 47 7.78 -19.40 15.43
C GLY A 47 6.39 -18.81 15.51
N PRO A 48 5.39 -19.63 15.86
CA PRO A 48 5.59 -21.02 16.30
C PRO A 48 5.75 -22.02 15.15
N ASP A 49 5.51 -21.61 13.92
CA ASP A 49 5.73 -22.51 12.79
C ASP A 49 7.20 -22.83 12.55
N VAL A 50 7.44 -24.07 12.15
CA VAL A 50 8.77 -24.53 11.81
C VAL A 50 9.22 -23.92 10.50
N LYS A 51 10.43 -23.40 10.46
CA LYS A 51 10.91 -22.79 9.22
C LYS A 51 12.28 -23.31 8.79
N ASP A 52 12.53 -23.18 7.49
CA ASP A 52 13.78 -23.61 6.87
C ASP A 52 14.97 -22.81 7.37
N LEU A 53 15.95 -23.51 7.96
CA LEU A 53 17.21 -22.90 8.40
C LEU A 53 17.96 -22.20 7.27
N ALA A 54 17.78 -22.68 6.04
CA ALA A 54 18.48 -22.10 4.89
C ALA A 54 17.95 -20.71 4.60
N ALA A 55 16.76 -20.41 5.10
CA ALA A 55 16.11 -19.16 4.78
C ALA A 55 16.59 -18.06 5.73
N LEU A 56 17.42 -18.46 6.69
CA LEU A 56 17.77 -17.58 7.78
C LEU A 56 19.29 -17.37 7.85
N ARG A 57 19.70 -16.15 8.22
CA ARG A 57 21.11 -15.79 8.40
C ARG A 57 21.20 -14.87 9.61
N VAL A 58 22.36 -14.83 10.24
CA VAL A 58 22.57 -13.94 11.36
C VAL A 58 23.67 -12.96 10.98
N GLN A 59 23.43 -11.68 11.22
CA GLN A 59 24.48 -10.69 11.01
C GLN A 59 24.87 -10.15 12.38
N LEU A 60 26.16 -10.17 12.67
CA LEU A 60 26.67 -9.68 13.95
C LEU A 60 26.77 -8.16 13.95
N ARG A 61 27.24 -7.62 15.06
CA ARG A 61 27.23 -6.18 15.33
C ARG A 61 27.71 -5.33 14.16
N GLU A 62 26.78 -4.55 13.61
CA GLU A 62 27.01 -3.74 12.43
C GLU A 62 26.55 -2.33 12.79
N GLN A 63 27.23 -1.32 12.31
CA GLN A 63 26.77 0.04 12.59
C GLN A 63 25.54 0.42 11.75
N HIS A 64 25.53 0.04 10.48
CA HIS A 64 24.37 0.28 9.61
C HIS A 64 23.90 -1.02 8.98
N LEU A 65 22.62 -1.18 8.74
CA LEU A 65 22.19 -2.41 8.12
C LEU A 65 22.66 -2.49 6.68
N TYR A 66 23.07 -3.70 6.29
CA TYR A 66 23.29 -4.03 4.89
C TYR A 66 24.63 -3.59 4.30
N TYR A 67 25.20 -2.50 4.81
CA TYR A 67 26.39 -1.90 4.19
C TYR A 67 27.55 -2.88 4.07
N GLN A 68 27.89 -3.56 5.17
CA GLN A 68 29.00 -4.52 5.13
C GLN A 68 28.62 -5.87 5.69
N ASP A 69 27.60 -6.47 5.10
CA ASP A 69 27.11 -7.74 5.60
C ASP A 69 28.16 -8.84 5.53
N GLN A 70 28.28 -9.59 6.62
CA GLN A 70 28.87 -10.92 6.62
C GLN A 70 27.89 -11.86 7.30
N LEU A 71 27.05 -12.47 6.47
CA LEU A 71 25.95 -13.26 6.97
C LEU A 71 26.43 -14.63 7.43
N LEU A 72 25.79 -15.13 8.50
CA LEU A 72 26.27 -16.32 9.19
C LEU A 72 25.18 -17.39 9.23
N PRO A 73 25.48 -18.57 8.67
CA PRO A 73 24.42 -19.59 8.64
C PRO A 73 24.10 -20.13 10.03
N VAL A 74 22.91 -20.72 10.17
CA VAL A 74 22.44 -21.23 11.46
C VAL A 74 22.25 -22.75 11.39
N SER A 75 22.71 -23.46 12.41
CA SER A 75 22.66 -24.93 12.39
C SER A 75 21.47 -25.51 13.14
N ARG A 76 20.95 -24.75 14.10
CA ARG A 76 19.81 -25.19 14.90
C ARG A 76 18.93 -24.02 15.31
N ILE A 77 17.62 -24.24 15.32
CA ILE A 77 16.68 -23.29 15.91
C ILE A 77 15.95 -23.97 17.07
N ILE A 78 16.22 -23.50 18.30
CA ILE A 78 15.54 -24.03 19.49
C ILE A 78 14.49 -23.06 20.03
N VAL A 79 13.22 -23.41 19.84
CA VAL A 79 12.14 -22.58 20.34
C VAL A 79 11.57 -23.20 21.62
N HIS A 80 11.39 -22.38 22.65
CA HIS A 80 10.78 -22.87 23.88
C HIS A 80 9.42 -23.50 23.63
N PRO A 81 9.24 -24.74 24.10
CA PRO A 81 8.04 -25.52 23.80
C PRO A 81 6.75 -25.00 24.42
N GLN A 82 6.83 -24.06 25.35
CA GLN A 82 5.59 -23.45 25.88
C GLN A 82 5.08 -22.32 24.98
N PHE A 83 5.92 -21.87 24.05
CA PHE A 83 5.56 -20.73 23.23
C PHE A 83 4.53 -21.04 22.17
N TYR A 84 3.50 -20.20 22.10
CA TYR A 84 2.61 -20.16 20.95
C TYR A 84 2.30 -18.70 20.52
N THR A 85 1.99 -17.83 21.47
CA THR A 85 1.92 -16.39 21.20
C THR A 85 2.68 -15.61 22.26
N ALA A 86 3.03 -14.38 21.94
CA ALA A 86 3.81 -13.58 22.89
C ALA A 86 2.97 -13.24 24.13
N GLN A 87 1.65 -13.20 23.98
CA GLN A 87 0.79 -12.83 25.09
C GLN A 87 0.58 -13.99 26.07
N ILE A 88 0.68 -15.21 25.55
CA ILE A 88 0.60 -16.38 26.42
C ILE A 88 1.94 -16.54 27.14
N GLY A 89 3.02 -16.24 26.42
CA GLY A 89 4.33 -16.15 27.04
C GLY A 89 5.32 -17.17 26.52
N ALA A 90 6.44 -17.28 27.24
CA ALA A 90 7.58 -18.11 26.83
C ALA A 90 8.09 -17.69 25.45
N ASP A 91 8.15 -16.37 25.24
CA ASP A 91 8.61 -15.81 23.97
C ASP A 91 10.12 -15.72 23.98
N ILE A 92 10.76 -16.86 23.78
CA ILE A 92 12.20 -16.92 23.87
C ILE A 92 12.69 -18.04 22.98
N ALA A 93 13.85 -17.85 22.36
CA ALA A 93 14.41 -18.88 21.48
C ALA A 93 15.91 -18.77 21.41
N LEU A 94 16.53 -19.82 20.87
CA LEU A 94 17.98 -19.91 20.76
C LEU A 94 18.38 -20.31 19.35
N LEU A 95 19.36 -19.62 18.79
CA LEU A 95 19.91 -20.04 17.52
C LEU A 95 21.36 -20.51 17.73
N GLU A 96 21.67 -21.69 17.18
CA GLU A 96 23.03 -22.20 17.19
C GLU A 96 23.68 -21.81 15.87
N LEU A 97 24.72 -20.99 15.95
CA LEU A 97 25.49 -20.67 14.76
C LEU A 97 26.18 -21.93 14.26
N GLU A 98 26.43 -22.00 12.96
CA GLU A 98 27.05 -23.17 12.37
C GLU A 98 28.50 -23.32 12.86
N GLU A 99 29.13 -22.18 13.16
CA GLU A 99 30.48 -22.15 13.68
C GLU A 99 30.51 -21.14 14.82
N PRO A 100 31.38 -21.38 15.81
CA PRO A 100 31.60 -20.38 16.85
C PRO A 100 32.11 -19.11 16.21
N VAL A 101 31.97 -18.01 16.92
CA VAL A 101 32.30 -16.70 16.37
C VAL A 101 33.72 -16.25 16.72
N LYS A 102 34.35 -15.61 15.74
CA LYS A 102 35.51 -14.76 15.93
C LYS A 102 35.20 -13.65 16.97
N VAL A 103 35.50 -13.91 18.25
CA VAL A 103 35.16 -12.98 19.33
C VAL A 103 36.20 -11.86 19.51
N SER A 104 35.96 -10.72 18.89
CA SER A 104 36.91 -9.60 18.91
C SER A 104 36.64 -8.55 20.00
N SER A 105 36.87 -7.29 19.66
CA SER A 105 36.62 -6.19 20.58
C SER A 105 35.32 -5.49 20.21
N HIS A 106 34.99 -5.52 18.92
CA HIS A 106 33.77 -4.91 18.41
C HIS A 106 32.58 -5.87 18.49
N VAL A 107 32.85 -7.16 18.61
CA VAL A 107 31.78 -8.13 18.81
C VAL A 107 32.12 -9.15 19.89
N HIS A 108 31.29 -9.19 20.93
CA HIS A 108 31.40 -10.24 21.96
C HIS A 108 30.14 -10.38 22.81
N THR A 109 30.11 -11.42 23.63
CA THR A 109 28.89 -11.85 24.30
C THR A 109 28.41 -10.90 25.39
N VAL A 110 27.10 -10.88 25.59
CA VAL A 110 26.50 -10.19 26.72
C VAL A 110 26.41 -11.17 27.89
N THR A 111 26.46 -10.63 29.11
CA THR A 111 26.44 -11.45 30.31
C THR A 111 25.01 -11.68 30.75
N LEU A 112 24.68 -12.94 31.07
CA LEU A 112 23.35 -13.25 31.57
C LEU A 112 23.27 -12.95 33.07
N PRO A 113 22.06 -12.63 33.55
CA PRO A 113 21.87 -12.25 34.95
C PRO A 113 21.91 -13.45 35.89
N PRO A 114 22.22 -13.21 37.17
CA PRO A 114 22.07 -14.28 38.16
C PRO A 114 20.59 -14.52 38.33
N ALA A 115 20.18 -15.73 38.70
CA ALA A 115 18.76 -16.03 38.84
C ALA A 115 18.06 -15.12 39.86
N SER A 116 18.87 -14.51 40.71
CA SER A 116 18.36 -13.70 41.81
C SER A 116 18.11 -12.23 41.44
N GLU A 117 18.51 -11.82 40.24
CA GLU A 117 18.37 -10.41 39.88
C GLU A 117 16.97 -10.03 39.45
N THR A 118 16.43 -8.99 40.10
CA THR A 118 15.03 -8.61 39.93
C THR A 118 14.83 -7.40 39.00
N PHE A 119 15.88 -6.59 38.88
CA PHE A 119 15.81 -5.35 38.10
C PHE A 119 14.66 -4.47 38.56
N PRO A 120 14.76 -3.93 39.78
CA PRO A 120 13.73 -3.05 40.33
C PRO A 120 13.70 -1.72 39.60
N PRO A 121 12.54 -1.05 39.60
CA PRO A 121 12.42 0.28 39.00
C PRO A 121 13.59 1.15 39.42
N GLY A 122 14.13 1.95 38.49
CA GLY A 122 15.18 2.90 38.82
C GLY A 122 16.54 2.44 38.36
N MET A 123 16.63 1.18 37.94
CA MET A 123 17.87 0.66 37.37
C MET A 123 18.11 1.28 35.99
N PRO A 124 19.38 1.61 35.68
CA PRO A 124 19.73 2.17 34.38
C PRO A 124 19.63 1.11 33.28
N CYS A 125 18.65 1.26 32.40
CA CYS A 125 18.40 0.24 31.38
C CYS A 125 18.29 0.78 29.97
N TRP A 126 18.90 0.05 29.03
CA TRP A 126 18.92 0.43 27.63
C TRP A 126 18.41 -0.67 26.72
N VAL A 127 17.59 -0.30 25.74
CA VAL A 127 17.25 -1.20 24.67
C VAL A 127 17.77 -0.67 23.32
N THR A 128 18.10 -1.59 22.43
CA THR A 128 18.76 -1.26 21.18
C THR A 128 18.13 -2.07 20.03
N GLY A 129 18.13 -1.51 18.82
CA GLY A 129 17.68 -2.25 17.67
C GLY A 129 17.60 -1.45 16.39
N TRP A 130 17.20 -2.12 15.31
CA TRP A 130 16.98 -1.46 14.02
C TRP A 130 15.50 -1.44 13.63
N GLY A 131 14.61 -1.44 14.60
CA GLY A 131 13.18 -1.40 14.32
C GLY A 131 12.61 -0.01 14.05
N ASP A 132 11.31 0.04 13.81
CA ASP A 132 10.62 1.31 13.54
C ASP A 132 10.90 2.36 14.62
N VAL A 133 10.78 3.62 14.23
CA VAL A 133 11.12 4.74 15.11
C VAL A 133 9.87 5.37 15.71
N ASP A 134 8.73 4.91 15.24
CA ASP A 134 7.45 5.15 15.86
C ASP A 134 6.46 4.18 15.21
N ASN A 135 5.20 4.23 15.64
CA ASN A 135 4.19 3.37 15.07
C ASN A 135 4.07 3.61 13.58
N ASP A 136 4.34 2.56 12.80
CA ASP A 136 4.17 2.63 11.37
C ASP A 136 5.21 3.51 10.65
N GLU A 137 6.35 3.78 11.30
CA GLU A 137 7.41 4.51 10.60
C GLU A 137 8.70 3.70 10.59
N ARG A 138 9.10 3.27 9.41
CA ARG A 138 10.36 2.57 9.25
C ARG A 138 11.53 3.44 9.69
N LEU A 139 12.57 2.81 10.21
CA LEU A 139 13.86 3.45 10.42
C LEU A 139 14.40 3.84 9.04
N PRO A 140 14.79 5.12 8.87
CA PRO A 140 15.30 5.57 7.58
C PRO A 140 16.70 5.05 7.27
N PRO A 141 17.06 4.97 5.99
CA PRO A 141 18.44 4.65 5.61
C PRO A 141 19.35 5.76 6.15
N PRO A 142 20.63 5.46 6.41
CA PRO A 142 21.37 4.20 6.23
C PRO A 142 21.18 3.14 7.34
N PHE A 143 20.09 3.26 8.12
CA PHE A 143 19.72 2.25 9.10
C PHE A 143 20.70 2.10 10.26
N PRO A 144 20.84 3.16 11.06
CA PRO A 144 21.81 3.11 12.15
C PRO A 144 21.23 2.34 13.33
N LEU A 145 22.07 1.60 14.04
CA LEU A 145 21.64 0.96 15.26
C LEU A 145 21.25 2.08 16.23
N LYS A 146 20.02 2.00 16.75
CA LYS A 146 19.56 2.99 17.72
C LYS A 146 19.54 2.41 19.14
N GLN A 147 19.55 3.30 20.12
CA GLN A 147 19.51 2.94 21.53
C GLN A 147 18.62 3.90 22.30
N VAL A 148 17.96 3.38 23.33
CA VAL A 148 17.20 4.26 24.19
C VAL A 148 17.25 3.76 25.62
N LYS A 149 17.27 4.70 26.54
CA LYS A 149 17.24 4.36 27.95
C LYS A 149 15.77 4.30 28.36
N VAL A 150 15.36 3.17 28.91
CA VAL A 150 13.96 3.00 29.28
C VAL A 150 13.84 2.76 30.76
N PRO A 151 12.83 3.37 31.38
CA PRO A 151 12.54 3.18 32.81
C PRO A 151 11.84 1.85 33.03
N ILE A 152 12.38 1.02 33.93
CA ILE A 152 11.71 -0.22 34.34
C ILE A 152 10.55 0.07 35.29
N MET A 153 9.49 -0.74 35.18
CA MET A 153 8.28 -0.62 35.99
C MET A 153 7.94 -2.02 36.49
N GLU A 154 7.55 -2.13 37.76
CA GLU A 154 7.19 -3.42 38.36
C GLU A 154 6.04 -4.10 37.64
N ASN A 155 6.10 -5.43 37.53
CA ASN A 155 5.03 -6.18 36.86
C ASN A 155 3.61 -5.83 37.31
N HIS A 156 3.41 -5.57 38.59
CA HIS A 156 2.06 -5.23 39.04
C HIS A 156 1.66 -3.78 38.69
N ILE A 157 2.60 -2.85 38.81
CA ILE A 157 2.33 -1.48 38.41
C ILE A 157 1.94 -1.50 36.93
N CYS A 158 2.75 -2.21 36.16
CA CYS A 158 2.58 -2.34 34.71
C CYS A 158 1.27 -3.04 34.35
N ASP A 159 0.95 -4.11 35.07
CA ASP A 159 -0.28 -4.87 34.82
C ASP A 159 -1.52 -4.00 34.94
N ALA A 160 -1.56 -3.13 35.96
CA ALA A 160 -2.69 -2.23 36.19
C ALA A 160 -2.81 -1.20 35.07
N LYS A 161 -1.69 -0.65 34.64
CA LYS A 161 -1.69 0.25 33.49
C LYS A 161 -2.43 -0.42 32.35
N TYR A 162 -2.08 -1.67 32.06
CA TYR A 162 -2.68 -2.36 30.91
C TYR A 162 -4.19 -2.53 31.03
N HIS A 163 -4.74 -2.38 32.24
CA HIS A 163 -6.19 -2.45 32.43
C HIS A 163 -6.87 -1.08 32.24
N LEU A 164 -6.10 0.01 32.33
CA LEU A 164 -6.62 1.34 31.98
C LEU A 164 -7.03 1.38 30.50
N GLY A 165 -8.30 1.70 30.26
CA GLY A 165 -8.81 1.76 28.90
C GLY A 165 -9.12 0.39 28.33
N ALA A 166 -9.26 -0.61 29.20
CA ALA A 166 -9.49 -1.98 28.74
C ALA A 166 -10.76 -2.60 29.34
N TYR A 167 -11.38 -3.52 28.61
CA TYR A 167 -12.52 -4.26 29.12
C TYR A 167 -12.06 -5.35 30.07
N THR A 168 -10.81 -5.76 29.92
CA THR A 168 -10.29 -6.90 30.66
C THR A 168 -10.45 -6.77 32.18
N GLY A 169 -11.05 -7.78 32.79
CA GLY A 169 -11.27 -7.83 34.22
C GLY A 169 -9.99 -7.67 35.01
N ASP A 170 -10.08 -6.94 36.12
CA ASP A 170 -8.92 -6.58 36.95
C ASP A 170 -8.17 -7.79 37.47
N ASP A 171 -8.91 -8.87 37.72
CA ASP A 171 -8.37 -10.09 38.29
C ASP A 171 -7.64 -10.93 37.23
N VAL A 172 -7.69 -10.45 35.99
CA VAL A 172 -7.07 -11.14 34.88
C VAL A 172 -5.72 -10.54 34.54
N ARG A 173 -4.67 -11.33 34.75
CA ARG A 173 -3.30 -10.89 34.59
C ARG A 173 -2.90 -10.75 33.12
N ILE A 174 -2.59 -9.52 32.69
CA ILE A 174 -2.13 -9.31 31.33
C ILE A 174 -0.62 -9.45 31.28
N VAL A 175 0.07 -8.82 32.24
CA VAL A 175 1.52 -8.93 32.30
C VAL A 175 1.88 -10.10 33.20
N ARG A 176 2.57 -11.08 32.64
CA ARG A 176 2.76 -12.34 33.34
C ARG A 176 4.12 -12.44 34.01
N ASP A 177 4.26 -13.42 34.91
CA ASP A 177 5.46 -13.53 35.74
C ASP A 177 6.75 -13.73 34.95
N ASP A 178 6.64 -14.35 33.77
CA ASP A 178 7.82 -14.50 32.93
C ASP A 178 8.06 -13.28 32.06
N MET A 179 7.34 -12.19 32.32
CA MET A 179 7.54 -10.95 31.58
C MET A 179 8.13 -9.85 32.48
N LEU A 180 8.47 -8.72 31.84
CA LEU A 180 9.10 -7.57 32.49
C LEU A 180 8.72 -6.30 31.71
N CYS A 181 8.39 -5.21 32.39
CA CYS A 181 7.96 -3.98 31.69
C CYS A 181 8.95 -2.79 31.77
N ALA A 182 8.99 -2.00 30.70
CA ALA A 182 9.91 -0.88 30.57
C ALA A 182 9.49 0.07 29.43
N GLY A 183 9.86 1.33 29.52
CA GLY A 183 9.53 2.31 28.50
C GLY A 183 8.37 3.19 28.89
N ASN A 184 8.19 4.29 28.15
CA ASN A 184 7.10 5.23 28.37
C ASN A 184 6.62 5.81 27.03
N THR A 185 5.91 6.93 27.06
CA THR A 185 5.35 7.49 25.84
C THR A 185 6.38 8.24 24.99
N ARG A 186 7.65 8.13 25.39
CA ARG A 186 8.74 8.83 24.73
C ARG A 186 9.93 7.89 24.43
N ARG A 187 10.03 6.80 25.19
CA ARG A 187 11.11 5.84 25.02
C ARG A 187 10.56 4.41 24.96
N ASP A 188 10.92 3.66 23.93
CA ASP A 188 10.37 2.33 23.75
C ASP A 188 11.05 1.58 22.60
N SER A 189 10.79 0.28 22.52
CA SER A 189 11.19 -0.52 21.38
C SER A 189 9.97 -0.69 20.51
N CYS A 190 10.16 -1.13 19.28
CA CYS A 190 9.05 -1.21 18.34
C CYS A 190 9.23 -2.38 17.37
N GLN A 191 8.27 -2.54 16.47
CA GLN A 191 8.36 -3.57 15.45
C GLN A 191 9.74 -3.56 14.80
N GLY A 192 10.35 -4.73 14.71
CA GLY A 192 11.71 -4.84 14.21
C GLY A 192 12.77 -4.90 15.30
N ASP A 193 12.49 -4.30 16.46
CA ASP A 193 13.35 -4.44 17.64
C ASP A 193 13.18 -5.81 18.32
N SER A 194 12.10 -6.52 17.98
CA SER A 194 11.75 -7.82 18.57
C SER A 194 12.94 -8.77 18.72
N GLY A 195 12.95 -9.53 19.82
CA GLY A 195 14.02 -10.47 20.09
C GLY A 195 15.35 -9.84 20.48
N GLY A 196 15.39 -8.51 20.51
CA GLY A 196 16.59 -7.77 20.84
C GLY A 196 16.84 -7.63 22.33
N PRO A 197 18.03 -7.16 22.70
CA PRO A 197 18.42 -7.09 24.11
C PRO A 197 17.88 -5.86 24.87
N LEU A 198 17.41 -6.11 26.08
CA LEU A 198 17.24 -5.06 27.07
C LEU A 198 18.32 -5.33 28.11
N VAL A 199 19.27 -4.41 28.22
CA VAL A 199 20.39 -4.60 29.15
C VAL A 199 20.46 -3.53 30.23
N CYS A 200 20.77 -3.97 31.45
CA CYS A 200 20.89 -3.07 32.58
C CYS A 200 22.29 -3.15 33.18
N LYS A 201 22.80 -2.00 33.62
CA LYS A 201 24.12 -1.94 34.22
C LYS A 201 24.03 -2.15 35.73
N VAL A 202 24.42 -3.35 36.15
CA VAL A 202 24.38 -3.74 37.55
C VAL A 202 25.82 -3.89 38.09
N ASN A 203 26.17 -3.03 39.05
CA ASN A 203 27.52 -3.02 39.63
C ASN A 203 28.59 -3.06 38.56
N GLY A 204 28.48 -2.15 37.58
CA GLY A 204 29.44 -2.06 36.50
C GLY A 204 29.36 -3.10 35.39
N THR A 205 28.45 -4.06 35.50
CA THR A 205 28.34 -5.10 34.48
C THR A 205 27.00 -5.02 33.72
N TRP A 206 27.07 -5.05 32.39
CA TRP A 206 25.87 -5.09 31.58
C TRP A 206 25.28 -6.50 31.63
N LEU A 207 24.03 -6.60 32.06
CA LEU A 207 23.34 -7.87 32.08
C LEU A 207 22.11 -7.75 31.20
N GLN A 208 21.83 -8.77 30.40
CA GLN A 208 20.58 -8.77 29.66
C GLN A 208 19.41 -9.16 30.58
N ALA A 209 18.61 -8.17 30.93
CA ALA A 209 17.43 -8.37 31.74
C ALA A 209 16.27 -8.93 30.92
N GLY A 210 16.25 -8.64 29.63
CA GLY A 210 15.10 -8.98 28.84
C GLY A 210 15.32 -9.16 27.36
N VAL A 211 14.37 -9.83 26.74
CA VAL A 211 14.25 -9.93 25.30
C VAL A 211 12.98 -9.19 24.89
N VAL A 212 13.08 -8.37 23.84
CA VAL A 212 11.96 -7.56 23.33
C VAL A 212 10.82 -8.43 22.81
N SER A 213 9.62 -8.28 23.34
CA SER A 213 8.56 -9.25 23.05
C SER A 213 7.31 -8.71 22.37
N TRP A 214 6.63 -7.77 23.00
CA TRP A 214 5.35 -7.30 22.47
C TRP A 214 4.87 -6.07 23.21
N GLY A 215 3.64 -5.66 22.92
CA GLY A 215 3.02 -4.54 23.60
C GLY A 215 1.88 -4.02 22.75
N GLU A 216 1.06 -3.16 23.32
CA GLU A 216 0.02 -2.53 22.52
C GLU A 216 0.59 -1.29 21.84
N GLY A 217 0.99 -1.46 20.59
CA GLY A 217 1.72 -0.45 19.86
C GLY A 217 3.03 -0.05 20.53
N CYS A 218 3.52 1.13 20.18
CA CYS A 218 4.80 1.61 20.67
C CYS A 218 4.66 2.98 21.31
N ALA A 219 5.15 3.11 22.54
CA ALA A 219 5.08 4.36 23.31
C ALA A 219 3.68 4.97 23.35
N GLN A 220 2.66 4.11 23.38
CA GLN A 220 1.29 4.56 23.60
C GLN A 220 1.06 4.84 25.08
N PRO A 221 0.22 5.83 25.40
CA PRO A 221 -0.15 6.14 26.80
C PRO A 221 -0.60 4.88 27.58
N ASN A 222 0.03 4.64 28.73
CA ASN A 222 -0.29 3.47 29.57
C ASN A 222 -0.03 2.11 28.94
N ARG A 223 0.82 2.05 27.93
CA ARG A 223 1.21 0.78 27.32
C ARG A 223 2.74 0.61 27.21
N PRO A 224 3.39 0.37 28.35
CA PRO A 224 4.85 0.15 28.34
C PRO A 224 5.23 -1.07 27.52
N GLY A 225 6.45 -1.08 26.97
CA GLY A 225 6.94 -2.26 26.29
C GLY A 225 7.03 -3.45 27.23
N ILE A 226 6.84 -4.64 26.67
CA ILE A 226 6.91 -5.87 27.45
C ILE A 226 8.02 -6.80 26.96
N TYR A 227 8.81 -7.30 27.91
CA TYR A 227 9.98 -8.09 27.59
C TYR A 227 9.82 -9.45 28.21
N THR A 228 10.43 -10.44 27.57
CA THR A 228 10.63 -11.73 28.22
C THR A 228 11.68 -11.55 29.33
N ARG A 229 11.31 -11.93 30.55
CA ARG A 229 12.22 -11.87 31.68
C ARG A 229 13.24 -13.02 31.56
N VAL A 230 14.48 -12.67 31.23
CA VAL A 230 15.52 -13.69 31.02
C VAL A 230 15.77 -14.62 32.21
N THR A 231 15.86 -14.07 33.43
CA THR A 231 16.14 -14.90 34.62
C THR A 231 15.19 -16.08 34.68
N TYR A 232 13.93 -15.80 34.41
CA TYR A 232 12.89 -16.80 34.44
C TYR A 232 13.23 -18.03 33.59
N TYR A 233 14.00 -17.84 32.53
CA TYR A 233 14.31 -18.91 31.57
C TYR A 233 15.78 -19.37 31.57
N LEU A 234 16.53 -18.98 32.60
CA LEU A 234 17.92 -19.39 32.77
C LEU A 234 18.17 -20.89 32.66
N ASP A 235 17.35 -21.69 33.34
CA ASP A 235 17.52 -23.15 33.33
C ASP A 235 17.37 -23.73 31.92
N TRP A 236 16.36 -23.23 31.20
CA TRP A 236 16.12 -23.73 29.86
C TRP A 236 17.29 -23.31 28.96
N ILE A 237 17.85 -22.14 29.21
CA ILE A 237 18.99 -21.63 28.44
C ILE A 237 20.27 -22.40 28.73
N HIS A 238 20.53 -22.69 30.01
CA HIS A 238 21.76 -23.40 30.35
C HIS A 238 21.70 -24.87 29.95
N HIS A 239 20.49 -25.36 29.73
CA HIS A 239 20.32 -26.71 29.24
C HIS A 239 20.92 -26.89 27.84
N TYR A 240 21.10 -25.78 27.13
CA TYR A 240 21.55 -25.80 25.74
C TYR A 240 22.88 -25.10 25.55
N VAL A 241 23.06 -23.96 26.22
CA VAL A 241 24.30 -23.21 26.03
C VAL A 241 25.28 -23.46 27.16
N PRO A 242 26.55 -23.70 26.80
CA PRO A 242 27.64 -23.92 27.74
C PRO A 242 27.83 -22.74 28.69
N LYS A 243 27.90 -23.02 29.99
N ILE B 1 -15.74 12.81 -8.60
CA ILE B 1 -16.36 14.13 -8.52
C ILE B 1 -16.02 14.82 -7.20
N VAL B 2 -15.32 15.95 -7.27
CA VAL B 2 -14.93 16.71 -6.08
C VAL B 2 -15.96 17.80 -5.78
N GLY B 3 -16.33 17.92 -4.51
CA GLY B 3 -17.42 18.79 -4.13
C GLY B 3 -18.70 18.09 -4.54
N GLY B 4 -19.74 18.86 -4.82
CA GLY B 4 -20.94 18.25 -5.35
C GLY B 4 -21.73 17.34 -4.41
N GLN B 5 -22.36 16.34 -4.98
CA GLN B 5 -23.45 15.66 -4.29
C GLN B 5 -24.03 14.53 -5.15
N GLU B 6 -24.72 13.60 -4.50
CA GLU B 6 -25.34 12.47 -5.19
C GLU B 6 -26.40 12.91 -6.18
N ALA B 7 -26.39 12.30 -7.36
CA ALA B 7 -27.32 12.65 -8.41
C ALA B 7 -28.67 11.96 -8.21
N PRO B 8 -29.76 12.69 -8.49
CA PRO B 8 -31.11 12.13 -8.54
C PRO B 8 -31.16 11.02 -9.58
N ARG B 9 -32.09 10.07 -9.44
CA ARG B 9 -32.13 8.89 -10.30
C ARG B 9 -32.51 9.24 -11.74
N SER B 10 -33.26 10.33 -11.88
CA SER B 10 -33.79 10.75 -13.16
C SER B 10 -32.83 11.67 -13.92
N LYS B 11 -31.71 12.01 -13.32
CA LYS B 11 -30.76 12.92 -13.96
C LYS B 11 -29.69 12.15 -14.74
N TRP B 12 -29.23 12.75 -15.84
CA TRP B 12 -28.09 12.23 -16.59
C TRP B 12 -28.27 10.82 -17.17
N PRO B 13 -29.34 10.57 -17.92
CA PRO B 13 -29.55 9.18 -18.36
C PRO B 13 -28.52 8.66 -19.38
N TRP B 14 -27.64 9.54 -19.86
CA TRP B 14 -26.60 9.20 -20.85
C TRP B 14 -25.27 8.77 -20.20
N GLN B 15 -25.17 8.91 -18.88
CA GLN B 15 -23.93 8.56 -18.20
C GLN B 15 -23.70 7.06 -18.21
N VAL B 16 -22.52 6.63 -18.66
CA VAL B 16 -22.16 5.22 -18.54
C VAL B 16 -20.86 5.01 -17.77
N SER B 17 -20.66 3.78 -17.30
CA SER B 17 -19.45 3.37 -16.63
C SER B 17 -18.70 2.35 -17.49
N LEU B 18 -17.38 2.48 -17.59
CA LEU B 18 -16.56 1.51 -18.32
C LEU B 18 -15.92 0.53 -17.34
N ARG B 19 -15.94 -0.75 -17.68
CA ARG B 19 -15.47 -1.79 -16.77
C ARG B 19 -14.36 -2.61 -17.36
N VAL B 20 -13.32 -2.84 -16.57
CA VAL B 20 -12.27 -3.75 -16.97
C VAL B 20 -12.44 -5.08 -16.24
N HIS B 21 -12.10 -6.16 -16.95
CA HIS B 21 -12.18 -7.50 -16.39
C HIS B 21 -11.12 -7.71 -15.32
N GLY B 22 -11.47 -8.47 -14.30
CA GLY B 22 -10.57 -8.73 -13.19
C GLY B 22 -11.25 -9.68 -12.23
N PRO B 23 -10.92 -9.57 -10.94
CA PRO B 23 -11.63 -10.36 -9.92
C PRO B 23 -13.09 -9.96 -9.96
N TYR B 24 -13.34 -8.73 -10.41
CA TYR B 24 -14.70 -8.30 -10.75
C TYR B 24 -14.61 -7.32 -11.90
N TRP B 25 -15.75 -6.98 -12.48
CA TRP B 25 -15.77 -6.00 -13.56
C TRP B 25 -15.70 -4.59 -12.97
N MET B 26 -14.48 -4.10 -12.83
CA MET B 26 -14.22 -2.86 -12.11
C MET B 26 -14.35 -1.59 -12.98
N HIS B 27 -15.03 -0.59 -12.44
CA HIS B 27 -15.13 0.71 -13.07
C HIS B 27 -13.76 1.33 -13.15
N PHE B 28 -13.42 1.89 -14.31
CA PHE B 28 -12.16 2.61 -14.46
C PHE B 28 -12.31 3.98 -15.16
N CYS B 29 -13.42 4.17 -15.86
CA CYS B 29 -13.70 5.40 -16.60
C CYS B 29 -15.20 5.55 -16.87
N GLY B 30 -15.64 6.80 -17.01
CA GLY B 30 -16.97 7.09 -17.48
C GLY B 30 -16.99 7.26 -19.00
N GLY B 31 -18.19 7.43 -19.53
CA GLY B 31 -18.40 7.69 -20.93
C GLY B 31 -19.78 8.32 -21.05
N SER B 32 -20.29 8.43 -22.27
CA SER B 32 -21.64 8.94 -22.42
C SER B 32 -22.23 8.38 -23.69
N LEU B 33 -23.54 8.11 -23.65
CA LEU B 33 -24.28 7.54 -24.76
C LEU B 33 -24.70 8.65 -25.72
N ILE B 34 -24.13 8.65 -26.93
CA ILE B 34 -24.42 9.72 -27.88
C ILE B 34 -25.26 9.25 -29.04
N HIS B 35 -25.38 7.94 -29.17
CA HIS B 35 -26.21 7.31 -30.18
C HIS B 35 -26.55 5.97 -29.57
N PRO B 36 -27.73 5.40 -29.92
CA PRO B 36 -28.18 4.14 -29.34
C PRO B 36 -27.14 3.04 -29.45
N GLN B 37 -26.21 3.14 -30.39
CA GLN B 37 -25.15 2.13 -30.50
C GLN B 37 -23.73 2.66 -30.23
N TRP B 38 -23.62 3.91 -29.77
CA TRP B 38 -22.29 4.53 -29.61
C TRP B 38 -22.03 5.21 -28.26
N VAL B 39 -20.86 4.92 -27.69
CA VAL B 39 -20.43 5.59 -26.46
C VAL B 39 -19.26 6.52 -26.74
N LEU B 40 -19.32 7.71 -26.14
CA LEU B 40 -18.26 8.71 -26.27
C LEU B 40 -17.45 8.73 -24.98
N THR B 41 -16.13 8.78 -25.09
CA THR B 41 -15.25 8.72 -23.92
C THR B 41 -13.87 9.29 -24.23
N ALA B 42 -12.97 9.25 -23.24
CA ALA B 42 -11.61 9.72 -23.42
C ALA B 42 -10.69 8.65 -24.02
N ALA B 43 -9.82 9.05 -24.95
CA ALA B 43 -8.80 8.15 -25.51
C ALA B 43 -7.83 7.58 -24.47
N HIS B 44 -7.49 8.36 -23.44
CA HIS B 44 -6.52 7.86 -22.45
C HIS B 44 -7.11 6.76 -21.56
N CYS B 45 -8.41 6.51 -21.69
CA CYS B 45 -9.07 5.41 -20.97
C CYS B 45 -8.87 4.08 -21.71
N VAL B 46 -8.56 4.15 -23.00
CA VAL B 46 -8.43 2.93 -23.79
C VAL B 46 -7.18 2.86 -24.66
N GLY B 47 -6.38 3.91 -24.65
CA GLY B 47 -5.16 3.96 -25.44
C GLY B 47 -4.07 4.70 -24.69
N PRO B 48 -2.94 5.00 -25.35
CA PRO B 48 -2.66 4.78 -26.78
C PRO B 48 -2.44 3.31 -27.14
N ASP B 49 -2.11 2.48 -26.16
CA ASP B 49 -1.89 1.07 -26.41
C ASP B 49 -3.22 0.35 -26.70
N VAL B 50 -3.20 -0.56 -27.68
CA VAL B 50 -4.37 -1.29 -28.10
C VAL B 50 -4.56 -2.48 -27.17
N LYS B 51 -5.80 -2.74 -26.77
CA LYS B 51 -6.09 -3.82 -25.83
C LYS B 51 -7.27 -4.69 -26.25
N ASP B 52 -7.47 -5.77 -25.52
CA ASP B 52 -8.46 -6.79 -25.86
C ASP B 52 -9.90 -6.30 -25.62
N LEU B 53 -10.69 -6.20 -26.69
CA LEU B 53 -12.10 -5.86 -26.59
C LEU B 53 -12.75 -6.72 -25.53
N ALA B 54 -12.40 -7.99 -25.52
CA ALA B 54 -12.99 -8.95 -24.58
C ALA B 54 -12.85 -8.52 -23.12
N ALA B 55 -11.85 -7.70 -22.83
CA ALA B 55 -11.55 -7.28 -21.47
C ALA B 55 -12.41 -6.11 -21.01
N LEU B 56 -13.29 -5.63 -21.88
CA LEU B 56 -14.02 -4.42 -21.62
C LEU B 56 -15.54 -4.63 -21.72
N ARG B 57 -16.29 -3.99 -20.82
CA ARG B 57 -17.74 -3.97 -20.92
C ARG B 57 -18.24 -2.59 -20.52
N VAL B 58 -19.47 -2.29 -20.92
CA VAL B 58 -20.08 -1.01 -20.65
C VAL B 58 -21.30 -1.18 -19.76
N GLN B 59 -21.46 -0.30 -18.79
CA GLN B 59 -22.63 -0.30 -17.93
C GLN B 59 -23.39 1.01 -18.14
N LEU B 60 -24.68 0.91 -18.42
CA LEU B 60 -25.52 2.08 -18.65
C LEU B 60 -25.96 2.76 -17.34
N ARG B 61 -26.67 3.88 -17.45
CA ARG B 61 -27.06 4.67 -16.30
C ARG B 61 -27.56 3.80 -15.14
N GLU B 62 -26.90 3.93 -14.00
CA GLU B 62 -27.13 3.09 -12.84
C GLU B 62 -26.79 4.00 -11.66
N GLN B 63 -27.56 3.90 -10.56
CA GLN B 63 -27.37 4.79 -9.40
C GLN B 63 -26.17 4.46 -8.56
N HIS B 64 -25.92 3.15 -8.41
CA HIS B 64 -24.87 2.64 -7.56
C HIS B 64 -24.05 1.64 -8.34
N LEU B 65 -22.75 1.86 -8.39
CA LEU B 65 -21.86 0.95 -9.08
C LEU B 65 -22.01 -0.48 -8.57
N TYR B 66 -22.14 -1.42 -9.51
CA TYR B 66 -22.03 -2.86 -9.23
C TYR B 66 -23.30 -3.56 -8.74
N TYR B 67 -24.31 -2.79 -8.33
CA TYR B 67 -25.44 -3.42 -7.63
C TYR B 67 -26.44 -4.19 -8.50
N GLN B 68 -26.92 -3.59 -9.57
CA GLN B 68 -27.63 -4.40 -10.57
C GLN B 68 -26.97 -4.17 -11.93
N ASP B 69 -25.87 -4.85 -12.16
CA ASP B 69 -25.10 -4.68 -13.39
C ASP B 69 -25.72 -5.48 -14.53
N GLN B 70 -25.91 -4.82 -15.67
CA GLN B 70 -26.15 -5.52 -16.92
C GLN B 70 -25.09 -5.04 -17.91
N LEU B 71 -23.96 -5.74 -17.92
CA LEU B 71 -22.78 -5.31 -18.67
C LEU B 71 -22.94 -5.62 -20.13
N LEU B 72 -22.60 -4.65 -20.98
CA LEU B 72 -22.73 -4.81 -22.42
C LEU B 72 -21.37 -4.95 -23.11
N PRO B 73 -21.23 -5.97 -23.98
CA PRO B 73 -20.00 -6.18 -24.74
C PRO B 73 -19.79 -5.08 -25.78
N VAL B 74 -18.56 -4.86 -26.21
CA VAL B 74 -18.25 -3.85 -27.21
C VAL B 74 -17.64 -4.47 -28.46
N SER B 75 -18.09 -4.02 -29.62
CA SER B 75 -17.68 -4.64 -30.88
C SER B 75 -16.48 -3.93 -31.50
N ARG B 76 -16.37 -2.64 -31.24
CA ARG B 76 -15.31 -1.84 -31.86
C ARG B 76 -14.89 -0.64 -30.99
N ILE B 77 -13.58 -0.48 -30.85
CA ILE B 77 -13.03 0.71 -30.19
C ILE B 77 -12.30 1.58 -31.21
N ILE B 78 -12.71 2.83 -31.29
CA ILE B 78 -12.08 3.77 -32.22
C ILE B 78 -11.49 4.94 -31.46
N VAL B 79 -10.17 4.98 -31.40
CA VAL B 79 -9.44 6.05 -30.77
C VAL B 79 -8.94 7.02 -31.83
N HIS B 80 -8.99 8.30 -31.52
CA HIS B 80 -8.49 9.32 -32.41
C HIS B 80 -6.98 9.14 -32.66
N PRO B 81 -6.59 9.09 -33.95
CA PRO B 81 -5.22 8.72 -34.32
C PRO B 81 -4.18 9.76 -33.92
N GLN B 82 -4.63 10.95 -33.53
CA GLN B 82 -3.67 11.93 -33.06
C GLN B 82 -3.37 11.80 -31.58
N PHE B 83 -4.11 10.95 -30.90
CA PHE B 83 -3.92 10.82 -29.48
C PHE B 83 -2.63 10.09 -29.12
N TYR B 84 -1.86 10.69 -28.23
CA TYR B 84 -0.80 9.99 -27.55
C TYR B 84 -0.86 10.17 -26.02
N THR B 85 -0.93 11.41 -25.56
CA THR B 85 -1.22 11.75 -24.16
C THR B 85 -2.30 12.84 -24.07
N ALA B 86 -2.89 12.97 -22.89
CA ALA B 86 -3.89 14.00 -22.64
C ALA B 86 -3.32 15.39 -22.82
N GLN B 87 -2.08 15.60 -22.38
CA GLN B 87 -1.48 16.93 -22.53
C GLN B 87 -1.25 17.36 -23.99
N ILE B 88 -1.03 16.37 -24.85
CA ILE B 88 -0.84 16.64 -26.27
C ILE B 88 -2.16 16.88 -26.97
N GLY B 89 -3.25 16.31 -26.45
CA GLY B 89 -4.56 16.57 -27.00
C GLY B 89 -5.15 15.41 -27.74
N ALA B 90 -6.24 15.66 -28.45
CA ALA B 90 -7.02 14.62 -29.15
C ALA B 90 -7.44 13.48 -28.20
N ASP B 91 -7.77 13.82 -26.97
CA ASP B 91 -8.13 12.80 -25.98
C ASP B 91 -9.57 12.39 -26.15
N ILE B 92 -9.85 11.70 -27.24
CA ILE B 92 -11.22 11.34 -27.54
C ILE B 92 -11.30 9.98 -28.24
N ALA B 93 -12.34 9.24 -27.90
CA ALA B 93 -12.50 7.86 -28.36
C ALA B 93 -13.98 7.48 -28.43
N LEU B 94 -14.30 6.54 -29.32
CA LEU B 94 -15.66 6.02 -29.44
C LEU B 94 -15.68 4.51 -29.26
N LEU B 95 -16.65 4.02 -28.50
CA LEU B 95 -16.92 2.59 -28.42
C LEU B 95 -18.22 2.25 -29.15
N GLU B 96 -18.15 1.28 -30.05
CA GLU B 96 -19.35 0.80 -30.73
C GLU B 96 -19.92 -0.36 -29.94
N LEU B 97 -21.18 -0.28 -29.56
CA LEU B 97 -21.81 -1.39 -28.82
C LEU B 97 -22.13 -2.52 -29.79
N GLU B 98 -22.09 -3.73 -29.27
CA GLU B 98 -22.25 -4.91 -30.10
C GLU B 98 -23.66 -4.94 -30.64
N GLU B 99 -24.59 -4.45 -29.83
CA GLU B 99 -25.98 -4.31 -30.26
C GLU B 99 -26.53 -3.00 -29.77
N PRO B 100 -27.49 -2.43 -30.51
CA PRO B 100 -28.05 -1.15 -30.05
C PRO B 100 -28.81 -1.27 -28.74
N VAL B 101 -28.96 -0.13 -28.08
CA VAL B 101 -29.62 -0.02 -26.80
C VAL B 101 -31.11 0.27 -26.95
N LYS B 102 -31.92 -0.30 -26.06
CA LYS B 102 -33.34 -0.01 -26.01
C LYS B 102 -33.54 1.26 -25.19
N VAL B 103 -33.57 2.42 -25.86
CA VAL B 103 -33.69 3.68 -25.16
C VAL B 103 -35.03 3.79 -24.46
N SER B 104 -35.05 4.63 -23.42
CA SER B 104 -36.24 4.83 -22.61
C SER B 104 -36.18 6.20 -21.96
N SER B 105 -36.82 6.33 -20.80
CA SER B 105 -36.80 7.56 -20.03
C SER B 105 -35.66 7.55 -19.02
N HIS B 106 -35.17 6.35 -18.67
CA HIS B 106 -34.06 6.23 -17.72
C HIS B 106 -32.69 6.04 -18.38
N VAL B 107 -32.68 5.74 -19.67
CA VAL B 107 -31.43 5.72 -20.44
C VAL B 107 -31.69 6.25 -21.85
N HIS B 108 -31.11 7.40 -22.15
CA HIS B 108 -31.12 7.90 -23.53
C HIS B 108 -29.89 8.75 -23.86
N THR B 109 -29.80 9.19 -25.11
CA THR B 109 -28.60 9.87 -25.58
C THR B 109 -28.53 11.30 -25.10
N VAL B 110 -27.31 11.80 -24.99
CA VAL B 110 -27.11 13.23 -24.86
C VAL B 110 -26.90 13.83 -26.27
N THR B 111 -27.23 15.11 -26.41
CA THR B 111 -27.18 15.80 -27.70
C THR B 111 -25.79 16.41 -27.89
N LEU B 112 -25.23 16.30 -29.09
CA LEU B 112 -23.95 16.94 -29.34
C LEU B 112 -24.18 18.39 -29.70
N PRO B 113 -23.23 19.27 -29.34
CA PRO B 113 -23.42 20.70 -29.58
C PRO B 113 -23.25 21.02 -31.08
N PRO B 114 -23.79 22.15 -31.54
CA PRO B 114 -23.44 22.63 -32.89
C PRO B 114 -21.96 23.00 -32.94
N ALA B 115 -21.39 23.13 -34.14
CA ALA B 115 -20.01 23.52 -34.30
C ALA B 115 -19.74 24.90 -33.74
N SER B 116 -20.78 25.72 -33.66
CA SER B 116 -20.63 27.13 -33.34
C SER B 116 -20.77 27.47 -31.86
N GLU B 117 -20.91 26.47 -30.99
CA GLU B 117 -21.10 26.72 -29.56
C GLU B 117 -19.78 26.75 -28.78
N THR B 118 -19.46 27.92 -28.23
CA THR B 118 -18.18 28.17 -27.55
C THR B 118 -18.20 27.80 -26.08
N PHE B 119 -19.38 27.77 -25.49
CA PHE B 119 -19.52 27.57 -24.05
C PHE B 119 -18.69 28.58 -23.26
N PRO B 120 -19.07 29.86 -23.36
CA PRO B 120 -18.41 30.97 -22.64
C PRO B 120 -18.68 30.87 -21.14
N PRO B 121 -17.89 31.60 -20.33
CA PRO B 121 -18.12 31.63 -18.89
C PRO B 121 -19.56 32.07 -18.63
N GLY B 122 -20.18 31.56 -17.56
CA GLY B 122 -21.55 31.91 -17.24
C GLY B 122 -22.59 30.86 -17.59
N MET B 123 -22.25 29.96 -18.49
CA MET B 123 -23.13 28.84 -18.82
C MET B 123 -23.23 27.86 -17.66
N PRO B 124 -24.45 27.36 -17.39
CA PRO B 124 -24.71 26.36 -16.33
C PRO B 124 -24.25 24.96 -16.73
N CYS B 125 -23.16 24.49 -16.14
CA CYS B 125 -22.55 23.22 -16.53
C CYS B 125 -22.31 22.28 -15.38
N TRP B 126 -22.47 21.00 -15.67
CA TRP B 126 -22.30 19.93 -14.70
C TRP B 126 -21.36 18.86 -15.23
N VAL B 127 -20.62 18.23 -14.34
CA VAL B 127 -19.88 17.02 -14.67
C VAL B 127 -20.41 15.92 -13.77
N THR B 128 -20.47 14.70 -14.29
CA THR B 128 -20.96 13.59 -13.50
C THR B 128 -19.96 12.43 -13.55
N GLY B 129 -20.02 11.54 -12.55
CA GLY B 129 -19.15 10.37 -12.54
C GLY B 129 -18.95 9.70 -11.19
N TRP B 130 -18.33 8.53 -11.23
CA TRP B 130 -18.07 7.76 -10.02
C TRP B 130 -16.62 7.85 -9.58
N GLY B 131 -15.94 8.92 -9.98
CA GLY B 131 -14.53 9.09 -9.69
C GLY B 131 -14.25 9.51 -8.25
N ASP B 132 -12.97 9.62 -7.90
CA ASP B 132 -12.54 10.06 -6.58
C ASP B 132 -13.22 11.36 -6.11
N VAL B 133 -13.46 11.44 -4.80
CA VAL B 133 -14.18 12.58 -4.25
C VAL B 133 -13.19 13.65 -3.81
N ASP B 134 -11.91 13.36 -3.98
CA ASP B 134 -10.82 14.29 -3.73
C ASP B 134 -9.48 13.59 -4.08
N ASN B 135 -8.35 14.28 -3.95
CA ASN B 135 -7.06 13.67 -4.30
C ASN B 135 -6.75 12.45 -3.43
N ASP B 136 -6.52 11.31 -4.07
CA ASP B 136 -6.18 10.08 -3.38
C ASP B 136 -7.31 9.58 -2.50
N GLU B 137 -8.55 9.79 -2.93
CA GLU B 137 -9.67 9.50 -2.05
C GLU B 137 -10.84 8.88 -2.80
N ARG B 138 -10.96 7.56 -2.72
CA ARG B 138 -11.94 6.83 -3.51
C ARG B 138 -13.37 7.19 -3.15
N LEU B 139 -14.25 7.17 -4.14
CA LEU B 139 -15.69 7.19 -3.89
C LEU B 139 -16.06 6.02 -2.96
N PRO B 140 -16.64 6.32 -1.79
CA PRO B 140 -17.02 5.23 -0.88
C PRO B 140 -18.26 4.49 -1.38
N PRO B 141 -18.41 3.21 -0.99
CA PRO B 141 -19.64 2.44 -1.28
C PRO B 141 -20.83 3.07 -0.56
N PRO B 142 -22.05 2.89 -1.09
CA PRO B 142 -22.45 2.06 -2.23
C PRO B 142 -22.17 2.70 -3.60
N PHE B 143 -21.24 3.63 -3.65
CA PHE B 143 -20.74 4.14 -4.92
C PHE B 143 -21.80 4.87 -5.75
N PRO B 144 -22.43 5.90 -5.17
CA PRO B 144 -23.47 6.68 -5.85
C PRO B 144 -22.91 7.51 -7.01
N LEU B 145 -23.66 7.63 -8.10
CA LEU B 145 -23.29 8.57 -9.14
C LEU B 145 -23.32 9.99 -8.60
N LYS B 146 -22.26 10.75 -8.84
CA LYS B 146 -22.21 12.12 -8.39
C LYS B 146 -22.30 13.16 -9.52
N GLN B 147 -22.59 14.39 -9.12
CA GLN B 147 -22.68 15.54 -10.02
C GLN B 147 -22.08 16.77 -9.32
N VAL B 148 -21.55 17.71 -10.10
CA VAL B 148 -21.16 19.00 -9.55
C VAL B 148 -21.28 20.09 -10.61
N LYS B 149 -21.79 21.24 -10.20
CA LYS B 149 -21.88 22.36 -11.11
C LYS B 149 -20.51 23.03 -11.13
N VAL B 150 -19.96 23.23 -12.32
CA VAL B 150 -18.63 23.79 -12.43
C VAL B 150 -18.62 25.05 -13.28
N PRO B 151 -17.90 26.10 -12.82
CA PRO B 151 -17.81 27.31 -13.64
C PRO B 151 -16.92 27.05 -14.86
N ILE B 152 -17.40 27.39 -16.06
CA ILE B 152 -16.57 27.38 -17.27
C ILE B 152 -15.61 28.57 -17.27
N MET B 153 -14.45 28.36 -17.87
CA MET B 153 -13.43 29.38 -17.96
C MET B 153 -13.03 29.56 -19.43
N GLU B 154 -12.59 30.74 -19.83
CA GLU B 154 -12.07 30.86 -21.19
C GLU B 154 -10.69 30.24 -21.30
N ASN B 155 -10.34 29.77 -22.49
CA ASN B 155 -9.07 29.07 -22.70
C ASN B 155 -7.83 29.89 -22.35
N HIS B 156 -7.79 31.12 -22.84
CA HIS B 156 -6.61 31.96 -22.64
C HIS B 156 -6.38 32.13 -21.13
N ILE B 157 -7.47 32.23 -20.38
CA ILE B 157 -7.38 32.38 -18.93
C ILE B 157 -6.93 31.09 -18.22
N CYS B 158 -7.53 29.98 -18.62
CA CYS B 158 -7.10 28.67 -18.19
C CYS B 158 -5.62 28.41 -18.48
N ASP B 159 -5.19 28.73 -19.69
CA ASP B 159 -3.80 28.55 -20.05
C ASP B 159 -2.89 29.38 -19.15
N ALA B 160 -3.25 30.65 -18.97
CA ALA B 160 -2.44 31.53 -18.14
C ALA B 160 -2.41 31.05 -16.68
N LYS B 161 -3.56 30.60 -16.16
CA LYS B 161 -3.60 30.06 -14.80
C LYS B 161 -2.57 28.95 -14.60
N TYR B 162 -2.57 28.01 -15.53
CA TYR B 162 -1.61 26.90 -15.51
C TYR B 162 -0.14 27.33 -15.54
N HIS B 163 0.14 28.58 -15.90
CA HIS B 163 1.52 29.06 -15.88
C HIS B 163 1.88 29.66 -14.53
N LEU B 164 0.86 30.02 -13.75
CA LEU B 164 1.08 30.48 -12.38
C LEU B 164 1.82 29.42 -11.55
N GLY B 165 3.00 29.76 -11.04
CA GLY B 165 3.75 28.84 -10.22
C GLY B 165 4.31 27.66 -11.01
N ALA B 166 4.65 27.90 -12.26
CA ALA B 166 5.27 26.90 -13.12
C ALA B 166 6.51 27.49 -13.82
N TYR B 167 7.43 26.62 -14.23
CA TYR B 167 8.63 27.09 -14.92
C TYR B 167 8.32 27.38 -16.40
N THR B 168 7.29 26.73 -16.92
CA THR B 168 6.97 26.83 -18.34
C THR B 168 6.85 28.28 -18.81
N GLY B 169 7.46 28.56 -19.95
CA GLY B 169 7.43 29.89 -20.52
C GLY B 169 5.99 30.35 -20.75
N ASP B 170 5.71 31.61 -20.40
CA ASP B 170 4.38 32.17 -20.58
C ASP B 170 3.80 31.98 -21.99
N ASP B 171 4.68 31.96 -22.99
CA ASP B 171 4.26 31.84 -24.39
C ASP B 171 4.12 30.40 -24.93
N VAL B 172 4.52 29.43 -24.12
CA VAL B 172 4.37 28.01 -24.44
C VAL B 172 2.97 27.57 -24.01
N ARG B 173 2.13 27.15 -24.95
CA ARG B 173 0.74 26.79 -24.62
C ARG B 173 0.62 25.51 -23.83
N ILE B 174 -0.19 25.53 -22.77
CA ILE B 174 -0.43 24.32 -21.99
C ILE B 174 -1.82 23.77 -22.30
N VAL B 175 -2.80 24.68 -22.31
CA VAL B 175 -4.17 24.32 -22.64
C VAL B 175 -4.43 24.68 -24.10
N ARG B 176 -4.66 23.65 -24.92
CA ARG B 176 -4.79 23.82 -26.34
C ARG B 176 -6.22 24.17 -26.76
N ASP B 177 -6.41 24.40 -28.06
CA ASP B 177 -7.71 24.81 -28.58
C ASP B 177 -8.73 23.66 -28.61
N ASP B 178 -8.25 22.43 -28.58
CA ASP B 178 -9.16 21.29 -28.52
C ASP B 178 -9.54 20.93 -27.06
N MET B 179 -9.12 21.77 -26.12
CA MET B 179 -9.45 21.54 -24.73
C MET B 179 -10.40 22.64 -24.25
N LEU B 180 -10.91 22.47 -23.03
CA LEU B 180 -11.89 23.37 -22.43
C LEU B 180 -11.77 23.25 -20.92
N CYS B 181 -11.77 24.38 -20.21
CA CYS B 181 -11.58 24.33 -18.76
C CYS B 181 -12.80 24.70 -17.97
N ALA B 182 -13.06 23.93 -16.91
CA ALA B 182 -14.10 24.23 -15.96
C ALA B 182 -13.66 23.75 -14.58
N GLY B 183 -14.15 24.40 -13.52
CA GLY B 183 -13.85 23.97 -12.16
C GLY B 183 -13.17 24.99 -11.30
N ASN B 184 -13.16 24.75 -9.99
CA ASN B 184 -12.36 25.57 -9.07
C ASN B 184 -11.77 24.73 -7.93
N THR B 185 -11.36 25.38 -6.85
CA THR B 185 -10.73 24.68 -5.73
C THR B 185 -11.73 23.86 -4.91
N ARG B 186 -12.98 23.82 -5.37
CA ARG B 186 -14.08 23.31 -4.56
C ARG B 186 -14.96 22.37 -5.39
N ARG B 187 -14.88 22.51 -6.71
CA ARG B 187 -15.72 21.77 -7.62
C ARG B 187 -14.87 21.32 -8.78
N ASP B 188 -14.94 20.03 -9.12
CA ASP B 188 -14.03 19.49 -10.12
C ASP B 188 -14.34 18.02 -10.46
N SER B 189 -13.73 17.52 -11.52
CA SER B 189 -13.73 16.08 -11.81
C SER B 189 -12.44 15.52 -11.24
N CYS B 190 -12.38 14.20 -11.07
CA CYS B 190 -11.15 13.59 -10.57
C CYS B 190 -10.89 12.24 -11.22
N GLN B 191 -9.86 11.55 -10.76
CA GLN B 191 -9.54 10.22 -11.26
C GLN B 191 -10.76 9.29 -11.20
N GLY B 192 -11.08 8.65 -12.31
CA GLY B 192 -12.25 7.79 -12.37
C GLY B 192 -13.46 8.48 -12.98
N ASP B 193 -13.42 9.81 -13.03
CA ASP B 193 -14.40 10.60 -13.78
C ASP B 193 -14.01 10.69 -15.25
N SER B 194 -12.73 10.43 -15.55
CA SER B 194 -12.20 10.52 -16.91
C SER B 194 -13.12 9.89 -17.94
N GLY B 195 -13.31 10.60 -19.05
CA GLY B 195 -14.10 10.08 -20.15
C GLY B 195 -15.59 10.34 -20.07
N GLY B 196 -16.08 10.63 -18.87
CA GLY B 196 -17.48 10.93 -18.65
C GLY B 196 -17.75 12.35 -19.11
N PRO B 197 -19.02 12.77 -19.04
CA PRO B 197 -19.46 13.98 -19.75
C PRO B 197 -19.49 15.23 -18.89
N LEU B 198 -19.34 16.38 -19.57
CA LEU B 198 -19.56 17.70 -19.00
C LEU B 198 -20.69 18.35 -19.80
N VAL B 199 -21.82 18.61 -19.16
CA VAL B 199 -22.96 19.11 -19.93
C VAL B 199 -23.46 20.49 -19.51
N CYS B 200 -23.85 21.29 -20.51
CA CYS B 200 -24.37 22.63 -20.29
C CYS B 200 -25.79 22.73 -20.84
N LYS B 201 -26.63 23.47 -20.14
CA LYS B 201 -28.01 23.68 -20.56
C LYS B 201 -28.10 24.93 -21.45
N VAL B 202 -28.23 24.71 -22.75
CA VAL B 202 -28.25 25.82 -23.71
C VAL B 202 -29.58 25.86 -24.44
N ASN B 203 -30.26 27.00 -24.35
CA ASN B 203 -31.57 27.15 -24.98
C ASN B 203 -32.51 26.00 -24.60
N GLY B 204 -32.46 25.59 -23.32
CA GLY B 204 -33.33 24.55 -22.81
C GLY B 204 -32.95 23.12 -23.17
N THR B 205 -31.79 22.94 -23.78
CA THR B 205 -31.32 21.60 -24.15
C THR B 205 -29.95 21.35 -23.50
N TRP B 206 -29.78 20.16 -22.92
CA TRP B 206 -28.48 19.76 -22.42
C TRP B 206 -27.61 19.42 -23.61
N LEU B 207 -26.42 20.00 -23.67
CA LEU B 207 -25.47 19.65 -24.71
C LEU B 207 -24.20 19.14 -24.05
N GLN B 208 -23.50 18.20 -24.68
CA GLN B 208 -22.19 17.83 -24.15
C GLN B 208 -21.09 18.77 -24.62
N ALA B 209 -20.60 19.60 -23.71
CA ALA B 209 -19.50 20.50 -24.00
C ALA B 209 -18.13 19.80 -24.02
N GLY B 210 -17.89 18.90 -23.07
CA GLY B 210 -16.58 18.31 -22.96
C GLY B 210 -16.53 16.88 -22.50
N VAL B 211 -15.33 16.31 -22.57
CA VAL B 211 -15.05 14.98 -22.06
C VAL B 211 -13.96 15.10 -21.01
N VAL B 212 -14.22 14.59 -19.82
CA VAL B 212 -13.24 14.64 -18.73
C VAL B 212 -11.90 14.06 -19.21
N SER B 213 -10.87 14.89 -19.22
CA SER B 213 -9.59 14.50 -19.80
C SER B 213 -8.44 14.48 -18.82
N TRP B 214 -8.10 15.62 -18.24
CA TRP B 214 -6.93 15.68 -17.37
C TRP B 214 -6.90 16.95 -16.52
N GLY B 215 -5.75 17.17 -15.85
CA GLY B 215 -5.52 18.30 -15.00
C GLY B 215 -4.41 17.99 -14.00
N GLU B 216 -3.86 19.01 -13.37
CA GLU B 216 -2.92 18.78 -12.27
C GLU B 216 -3.66 18.57 -10.95
N GLY B 217 -3.81 17.32 -10.55
CA GLY B 217 -4.60 17.00 -9.39
C GLY B 217 -6.05 17.41 -9.58
N CYS B 218 -6.77 17.50 -8.47
CA CYS B 218 -8.19 17.84 -8.47
C CYS B 218 -8.46 19.00 -7.51
N ALA B 219 -9.07 20.07 -8.03
CA ALA B 219 -9.43 21.23 -7.22
C ALA B 219 -8.19 21.88 -6.57
N GLN B 220 -7.07 21.82 -7.26
CA GLN B 220 -5.84 22.50 -6.86
C GLN B 220 -5.91 23.96 -7.31
N PRO B 221 -5.32 24.87 -6.51
CA PRO B 221 -5.31 26.29 -6.85
C PRO B 221 -4.66 26.54 -8.21
N ASN B 222 -5.33 27.34 -9.03
CA ASN B 222 -4.86 27.71 -10.36
C ASN B 222 -4.70 26.55 -11.36
N ARG B 223 -5.37 25.42 -11.09
CA ARG B 223 -5.32 24.24 -11.96
C ARG B 223 -6.72 23.69 -12.27
N PRO B 224 -7.53 24.46 -13.00
CA PRO B 224 -8.86 23.91 -13.22
C PRO B 224 -8.85 22.60 -14.02
N GLY B 225 -9.97 21.87 -13.95
CA GLY B 225 -10.16 20.64 -14.68
C GLY B 225 -10.17 20.90 -16.17
N ILE B 226 -9.62 19.97 -16.95
CA ILE B 226 -9.47 20.17 -18.38
C ILE B 226 -10.14 19.05 -19.16
N TYR B 227 -10.90 19.44 -20.17
CA TYR B 227 -11.82 18.57 -20.87
C TYR B 227 -11.52 18.61 -22.37
N THR B 228 -11.79 17.52 -23.07
CA THR B 228 -11.68 17.55 -24.50
C THR B 228 -12.87 18.34 -25.02
N ARG B 229 -12.58 19.34 -25.86
CA ARG B 229 -13.62 20.23 -26.38
C ARG B 229 -14.34 19.52 -27.50
N VAL B 230 -15.59 19.15 -27.22
CA VAL B 230 -16.33 18.25 -28.08
C VAL B 230 -16.56 18.82 -29.48
N THR B 231 -16.84 20.12 -29.59
CA THR B 231 -17.11 20.74 -30.89
C THR B 231 -15.94 20.56 -31.85
N TYR B 232 -14.74 20.58 -31.29
CA TYR B 232 -13.54 20.44 -32.09
C TYR B 232 -13.48 19.11 -32.85
N TYR B 233 -14.12 18.08 -32.33
CA TYR B 233 -14.00 16.76 -32.94
C TYR B 233 -15.28 16.28 -33.58
N LEU B 234 -16.25 17.17 -33.70
CA LEU B 234 -17.54 16.84 -34.35
C LEU B 234 -17.39 16.13 -35.72
N ASP B 235 -16.50 16.60 -36.59
CA ASP B 235 -16.35 15.95 -37.89
C ASP B 235 -15.81 14.53 -37.75
N TRP B 236 -14.80 14.37 -36.91
CA TRP B 236 -14.28 13.04 -36.65
C TRP B 236 -15.41 12.10 -36.17
N ILE B 237 -16.15 12.53 -35.15
CA ILE B 237 -17.25 11.74 -34.59
C ILE B 237 -18.27 11.35 -35.65
N HIS B 238 -18.62 12.31 -36.49
CA HIS B 238 -19.65 12.13 -37.47
C HIS B 238 -19.19 11.22 -38.59
N HIS B 239 -17.89 10.96 -38.61
CA HIS B 239 -17.38 9.97 -39.53
C HIS B 239 -17.77 8.54 -39.14
N TYR B 240 -18.09 8.30 -37.87
CA TYR B 240 -18.50 6.95 -37.46
C TYR B 240 -19.93 6.89 -36.96
N VAL B 241 -20.37 7.96 -36.29
CA VAL B 241 -21.66 7.97 -35.63
C VAL B 241 -22.70 8.63 -36.52
N PRO B 242 -23.71 7.87 -36.94
CA PRO B 242 -24.83 8.40 -37.71
C PRO B 242 -25.54 9.56 -37.00
N LYS B 243 -26.09 10.49 -37.77
N ILE C 1 -15.46 -15.49 3.75
CA ILE C 1 -15.75 -16.90 3.53
C ILE C 1 -14.95 -17.47 2.36
N VAL C 2 -14.22 -18.56 2.62
CA VAL C 2 -13.48 -19.26 1.58
C VAL C 2 -14.26 -20.47 1.10
N GLY C 3 -14.39 -20.64 -0.20
CA GLY C 3 -15.30 -21.65 -0.74
C GLY C 3 -16.70 -21.12 -0.58
N GLY C 4 -17.70 -21.94 -0.83
CA GLY C 4 -19.07 -21.45 -0.64
C GLY C 4 -19.50 -20.35 -1.61
N GLN C 5 -20.78 -20.03 -1.59
CA GLN C 5 -21.35 -19.10 -2.57
C GLN C 5 -22.18 -18.04 -1.90
N GLU C 6 -22.81 -17.20 -2.72
CA GLU C 6 -23.81 -16.27 -2.22
C GLU C 6 -24.92 -17.02 -1.54
N ALA C 7 -25.31 -16.53 -0.36
CA ALA C 7 -26.44 -17.06 0.35
C ALA C 7 -27.73 -16.61 -0.32
N PRO C 8 -28.72 -17.52 -0.41
CA PRO C 8 -30.06 -17.16 -0.87
C PRO C 8 -30.64 -16.09 0.04
N ARG C 9 -31.56 -15.28 -0.48
CA ARG C 9 -32.12 -14.15 0.27
C ARG C 9 -32.84 -14.53 1.56
N SER C 10 -33.44 -15.72 1.57
CA SER C 10 -34.20 -16.20 2.73
C SER C 10 -33.31 -16.67 3.89
N LYS C 11 -32.16 -17.26 3.55
CA LYS C 11 -31.30 -17.87 4.55
C LYS C 11 -30.64 -16.86 5.49
N TRP C 12 -30.39 -17.28 6.72
CA TRP C 12 -29.55 -16.55 7.67
C TRP C 12 -30.12 -15.20 8.15
N PRO C 13 -31.40 -15.19 8.56
CA PRO C 13 -32.06 -13.93 8.95
C PRO C 13 -31.41 -13.26 10.16
N TRP C 14 -30.64 -14.03 10.93
CA TRP C 14 -29.97 -13.54 12.13
C TRP C 14 -28.57 -12.91 11.87
N GLN C 15 -28.06 -12.99 10.66
CA GLN C 15 -26.75 -12.39 10.36
C GLN C 15 -26.83 -10.87 10.49
N VAL C 16 -25.76 -10.26 10.98
CA VAL C 16 -25.67 -8.81 11.04
C VAL C 16 -24.26 -8.39 10.69
N SER C 17 -24.08 -7.11 10.38
CA SER C 17 -22.77 -6.54 10.08
C SER C 17 -22.48 -5.42 11.05
N LEU C 18 -21.25 -5.39 11.58
CA LEU C 18 -20.82 -4.32 12.48
C LEU C 18 -20.10 -3.24 11.69
N ARG C 19 -20.35 -1.99 12.05
CA ARG C 19 -19.89 -0.88 11.23
C ARG C 19 -19.17 0.11 12.11
N VAL C 20 -17.98 0.51 11.67
CA VAL C 20 -17.21 1.54 12.36
C VAL C 20 -17.30 2.84 11.56
N HIS C 21 -17.39 3.95 12.27
CA HIS C 21 -17.50 5.26 11.62
C HIS C 21 -16.18 5.68 10.96
N GLY C 22 -16.28 6.25 9.77
CA GLY C 22 -15.12 6.74 9.03
C GLY C 22 -15.61 7.55 7.85
N PRO C 23 -14.93 7.44 6.70
CA PRO C 23 -15.40 8.07 5.46
C PRO C 23 -16.76 7.48 5.07
N TYR C 24 -16.98 6.24 5.49
CA TYR C 24 -18.30 5.62 5.44
C TYR C 24 -18.42 4.63 6.58
N TRP C 25 -19.62 4.10 6.79
CA TRP C 25 -19.80 3.12 7.86
C TRP C 25 -19.37 1.76 7.38
N MET C 26 -18.08 1.48 7.61
CA MET C 26 -17.42 0.32 7.06
C MET C 26 -17.61 -0.93 7.90
N HIS C 27 -17.97 -2.01 7.21
CA HIS C 27 -18.06 -3.34 7.80
C HIS C 27 -16.71 -3.75 8.33
N PHE C 28 -16.67 -4.27 9.55
CA PHE C 28 -15.40 -4.77 10.06
C PHE C 28 -15.53 -6.15 10.67
N CYS C 29 -16.74 -6.51 11.11
CA CYS C 29 -16.99 -7.83 11.70
C CYS C 29 -18.43 -8.29 11.45
N GLY C 30 -18.65 -9.59 11.54
CA GLY C 30 -19.99 -10.14 11.55
C GLY C 30 -20.52 -10.26 12.98
N GLY C 31 -21.74 -10.80 13.10
CA GLY C 31 -22.39 -10.96 14.39
C GLY C 31 -23.74 -11.65 14.21
N SER C 32 -24.47 -11.90 15.28
CA SER C 32 -25.78 -12.52 15.11
C SER C 32 -26.84 -12.01 16.07
N LEU C 33 -28.08 -11.93 15.59
CA LEU C 33 -29.21 -11.54 16.41
C LEU C 33 -29.67 -12.74 17.28
N ILE C 34 -29.52 -12.65 18.58
CA ILE C 34 -29.89 -13.77 19.44
C ILE C 34 -31.12 -13.44 20.26
N HIS C 35 -31.47 -12.16 20.25
CA HIS C 35 -32.61 -11.65 20.97
C HIS C 35 -32.90 -10.33 20.27
N PRO C 36 -34.18 -9.90 20.30
CA PRO C 36 -34.57 -8.71 19.56
C PRO C 36 -33.76 -7.47 19.94
N GLN C 37 -33.13 -7.47 21.10
CA GLN C 37 -32.32 -6.31 21.47
C GLN C 37 -30.84 -6.64 21.68
N TRP C 38 -30.44 -7.87 21.36
CA TRP C 38 -29.05 -8.25 21.60
C TRP C 38 -28.36 -8.93 20.42
N VAL C 39 -27.10 -8.57 20.21
CA VAL C 39 -26.28 -9.13 19.16
C VAL C 39 -25.09 -9.83 19.81
N LEU C 40 -24.85 -11.08 19.38
CA LEU C 40 -23.68 -11.86 19.78
C LEU C 40 -22.56 -11.63 18.78
N THR C 41 -21.35 -11.41 19.28
CA THR C 41 -20.18 -11.22 18.41
C THR C 41 -18.88 -11.69 19.09
N ALA C 42 -17.75 -11.50 18.41
CA ALA C 42 -16.42 -11.83 18.96
C ALA C 42 -15.88 -10.66 19.79
N ALA C 43 -15.32 -10.97 20.95
CA ALA C 43 -14.68 -9.94 21.77
C ALA C 43 -13.59 -9.15 21.01
N HIS C 44 -12.79 -9.84 20.21
CA HIS C 44 -11.66 -9.19 19.56
C HIS C 44 -12.14 -8.22 18.45
N CYS C 45 -13.43 -8.21 18.18
CA CYS C 45 -13.99 -7.20 17.29
C CYS C 45 -14.12 -5.86 18.00
N VAL C 46 -14.26 -5.91 19.32
CA VAL C 46 -14.59 -4.73 20.08
C VAL C 46 -13.75 -4.60 21.33
N GLY C 47 -12.54 -5.16 21.29
CA GLY C 47 -11.66 -5.17 22.44
C GLY C 47 -10.29 -5.71 22.10
N PRO C 48 -9.40 -5.81 23.11
CA PRO C 48 -9.70 -5.52 24.53
C PRO C 48 -9.76 -4.01 24.83
N ASP C 49 -9.18 -3.20 23.95
CA ASP C 49 -9.28 -1.75 24.04
C ASP C 49 -10.73 -1.31 24.02
N VAL C 50 -11.05 -0.30 24.83
CA VAL C 50 -12.42 0.17 24.98
C VAL C 50 -12.83 1.12 23.85
N LYS C 51 -14.00 0.88 23.29
CA LYS C 51 -14.47 1.59 22.10
C LYS C 51 -15.42 2.75 22.40
N ASP C 52 -15.56 3.67 21.45
CA ASP C 52 -16.56 4.72 21.57
C ASP C 52 -17.88 4.24 20.94
N LEU C 53 -18.92 4.10 21.76
CA LEU C 53 -20.23 3.66 21.26
C LEU C 53 -20.69 4.47 20.04
N ALA C 54 -20.46 5.78 20.06
CA ALA C 54 -20.92 6.65 18.98
C ALA C 54 -20.34 6.25 17.62
N ALA C 55 -19.22 5.53 17.64
CA ALA C 55 -18.52 5.17 16.42
C ALA C 55 -18.88 3.76 15.92
N LEU C 56 -19.90 3.17 16.54
CA LEU C 56 -20.31 1.81 16.20
C LEU C 56 -21.77 1.77 15.76
N ARG C 57 -22.06 1.02 14.70
CA ARG C 57 -23.44 0.83 14.28
C ARG C 57 -23.69 -0.64 13.95
N VAL C 58 -24.93 -1.08 14.09
CA VAL C 58 -25.33 -2.42 13.68
C VAL C 58 -26.25 -2.35 12.46
N GLN C 59 -25.99 -3.24 11.51
CA GLN C 59 -26.80 -3.32 10.32
C GLN C 59 -27.30 -4.73 10.25
N LEU C 60 -28.62 -4.88 10.21
CA LEU C 60 -29.28 -6.20 10.15
C LEU C 60 -29.12 -6.82 8.77
N ARG C 61 -29.63 -8.03 8.56
CA ARG C 61 -29.29 -8.76 7.34
C ARG C 61 -29.58 -8.05 6.02
N GLU C 62 -28.53 -7.91 5.22
CA GLU C 62 -28.60 -7.37 3.87
C GLU C 62 -28.09 -8.43 2.92
N GLN C 63 -28.63 -8.47 1.71
CA GLN C 63 -28.08 -9.36 0.72
C GLN C 63 -26.71 -8.81 0.32
N HIS C 64 -26.66 -7.50 0.10
CA HIS C 64 -25.43 -6.81 -0.33
C HIS C 64 -25.00 -5.74 0.63
N LEU C 65 -23.74 -5.78 1.06
CA LEU C 65 -23.24 -4.75 1.96
C LEU C 65 -23.41 -3.34 1.38
N TYR C 66 -23.73 -2.38 2.26
CA TYR C 66 -23.72 -0.95 1.91
C TYR C 66 -24.90 -0.52 1.08
N TYR C 67 -25.35 -1.33 0.12
CA TYR C 67 -26.63 -1.01 -0.50
C TYR C 67 -27.69 -1.28 0.54
N GLN C 68 -28.74 -0.50 0.46
CA GLN C 68 -28.95 0.39 1.54
C GLN C 68 -29.23 0.01 2.98
N ASP C 69 -28.44 0.71 3.77
CA ASP C 69 -28.24 0.45 5.16
C ASP C 69 -29.37 1.06 5.96
N GLN C 70 -29.56 0.49 7.14
CA GLN C 70 -30.42 1.09 8.13
C GLN C 70 -29.67 0.85 9.42
N LEU C 71 -28.63 1.66 9.62
CA LEU C 71 -27.70 1.47 10.71
C LEU C 71 -28.38 1.72 12.07
N LEU C 72 -28.10 0.85 13.02
CA LEU C 72 -28.75 0.89 14.32
C LEU C 72 -27.73 1.14 15.42
N PRO C 73 -27.95 2.19 16.22
CA PRO C 73 -27.07 2.48 17.36
C PRO C 73 -27.14 1.41 18.44
N VAL C 74 -26.08 1.39 19.24
CA VAL C 74 -25.88 0.41 20.28
C VAL C 74 -25.85 1.15 21.61
N SER C 75 -26.50 0.60 22.63
CA SER C 75 -26.51 1.27 23.94
C SER C 75 -25.51 0.71 24.96
N ARG C 76 -25.14 -0.56 24.81
CA ARG C 76 -24.09 -1.12 25.65
C ARG C 76 -23.23 -2.12 24.90
N ILE C 77 -22.00 -2.28 25.38
CA ILE C 77 -21.08 -3.26 24.85
C ILE C 77 -20.53 -4.04 26.04
N ILE C 78 -20.81 -5.33 26.08
CA ILE C 78 -20.32 -6.17 27.14
C ILE C 78 -19.30 -7.14 26.59
N VAL C 79 -18.06 -6.96 27.01
CA VAL C 79 -16.98 -7.83 26.59
C VAL C 79 -16.66 -8.77 27.73
N HIS C 80 -16.54 -10.06 27.43
CA HIS C 80 -16.26 -11.00 28.47
C HIS C 80 -14.97 -10.57 29.17
N PRO C 81 -15.03 -10.44 30.51
CA PRO C 81 -13.94 -9.86 31.31
C PRO C 81 -12.66 -10.69 31.22
N GLN C 82 -12.83 -11.95 30.84
CA GLN C 82 -11.69 -12.86 30.70
C GLN C 82 -10.95 -12.62 29.39
N PHE C 83 -11.54 -11.89 28.47
CA PHE C 83 -10.93 -11.74 27.17
C PHE C 83 -9.74 -10.78 27.12
N TYR C 84 -8.67 -11.23 26.48
CA TYR C 84 -7.56 -10.36 26.13
C TYR C 84 -7.08 -10.65 24.72
N THR C 85 -6.82 -11.91 24.40
CA THR C 85 -6.67 -12.27 23.00
C THR C 85 -7.48 -13.50 22.63
N ALA C 86 -7.72 -13.67 21.34
CA ALA C 86 -8.47 -14.82 20.84
C ALA C 86 -7.78 -16.13 21.21
N GLN C 87 -6.45 -16.13 21.28
CA GLN C 87 -5.72 -17.36 21.57
C GLN C 87 -5.83 -17.79 23.02
N ILE C 88 -5.97 -16.82 23.91
CA ILE C 88 -6.10 -17.14 25.31
C ILE C 88 -7.52 -17.61 25.59
N GLY C 89 -8.49 -16.99 24.92
CA GLY C 89 -9.86 -17.45 24.97
C GLY C 89 -10.87 -16.39 25.34
N ALA C 90 -12.10 -16.85 25.61
CA ALA C 90 -13.18 -15.98 26.06
C ALA C 90 -13.52 -14.94 25.01
N ASP C 91 -13.29 -15.31 23.75
CA ASP C 91 -13.52 -14.41 22.63
C ASP C 91 -15.02 -14.21 22.38
N ILE C 92 -15.63 -13.36 23.18
CA ILE C 92 -17.08 -13.26 23.10
C ILE C 92 -17.60 -11.94 23.69
N ALA C 93 -18.59 -11.36 23.02
CA ALA C 93 -19.14 -10.09 23.44
C ALA C 93 -20.61 -9.97 23.08
N LEU C 94 -21.27 -8.99 23.71
CA LEU C 94 -22.70 -8.74 23.53
C LEU C 94 -22.92 -7.27 23.25
N LEU C 95 -23.71 -6.97 22.23
CA LEU C 95 -24.08 -5.59 21.96
C LEU C 95 -25.56 -5.43 22.24
N GLU C 96 -25.89 -4.52 23.14
CA GLU C 96 -27.29 -4.20 23.36
C GLU C 96 -27.68 -3.08 22.39
N LEU C 97 -28.70 -3.32 21.58
CA LEU C 97 -29.19 -2.30 20.69
C LEU C 97 -29.95 -1.27 21.52
N GLU C 98 -29.94 -0.01 21.05
CA GLU C 98 -30.62 1.05 21.76
C GLU C 98 -32.13 0.80 21.78
N GLU C 99 -32.65 0.18 20.72
CA GLU C 99 -34.06 -0.24 20.61
C GLU C 99 -34.19 -1.70 20.18
N PRO C 100 -35.27 -2.37 20.61
CA PRO C 100 -35.47 -3.73 20.10
C PRO C 100 -35.90 -3.63 18.64
N VAL C 101 -35.54 -4.62 17.83
CA VAL C 101 -35.98 -4.66 16.45
C VAL C 101 -37.35 -5.31 16.39
N LYS C 102 -38.11 -5.03 15.32
CA LYS C 102 -39.39 -5.73 15.09
C LYS C 102 -39.16 -6.90 14.15
N VAL C 103 -39.15 -8.12 14.71
CA VAL C 103 -38.77 -9.32 13.95
C VAL C 103 -39.73 -9.72 12.83
N SER C 104 -39.19 -10.17 11.71
CA SER C 104 -39.99 -10.70 10.60
C SER C 104 -39.51 -12.10 10.18
N SER C 105 -39.82 -12.50 8.94
CA SER C 105 -39.36 -13.78 8.42
C SER C 105 -38.08 -13.58 7.60
N HIS C 106 -37.70 -12.32 7.42
CA HIS C 106 -36.47 -11.96 6.73
C HIS C 106 -35.38 -11.53 7.72
N VAL C 107 -35.75 -11.42 8.98
CA VAL C 107 -34.83 -10.98 10.02
C VAL C 107 -35.36 -11.34 11.41
N HIS C 108 -34.93 -12.50 11.92
CA HIS C 108 -35.26 -12.92 13.28
C HIS C 108 -34.09 -13.62 13.97
N THR C 109 -34.24 -13.93 15.24
CA THR C 109 -33.12 -14.40 16.05
C THR C 109 -32.67 -15.82 15.68
N VAL C 110 -31.42 -16.13 16.01
CA VAL C 110 -30.93 -17.51 15.92
C VAL C 110 -31.09 -18.17 17.29
N THR C 111 -31.31 -19.48 17.32
CA THR C 111 -31.50 -20.21 18.57
C THR C 111 -30.17 -20.69 19.14
N LEU C 112 -29.93 -20.41 20.42
CA LEU C 112 -28.70 -20.88 21.05
C LEU C 112 -28.77 -22.37 21.42
N PRO C 113 -27.62 -23.04 21.43
CA PRO C 113 -27.61 -24.47 21.73
C PRO C 113 -28.09 -24.72 23.15
N PRO C 114 -28.73 -25.87 23.38
CA PRO C 114 -28.98 -26.36 24.75
C PRO C 114 -27.69 -26.40 25.54
N ALA C 115 -27.80 -26.24 26.85
CA ALA C 115 -26.65 -26.05 27.71
C ALA C 115 -25.89 -27.35 27.89
N SER C 116 -25.42 -27.92 26.78
CA SER C 116 -24.70 -29.19 26.79
C SER C 116 -24.62 -29.83 25.42
N GLU C 117 -24.99 -29.11 24.38
CA GLU C 117 -24.95 -29.69 23.04
C GLU C 117 -23.49 -29.98 22.65
N THR C 118 -23.28 -31.02 21.84
CA THR C 118 -21.90 -31.49 21.60
C THR C 118 -21.32 -31.15 20.22
N PHE C 119 -22.11 -31.36 19.17
CA PHE C 119 -21.66 -31.12 17.80
C PHE C 119 -20.51 -32.02 17.38
N PRO C 120 -20.81 -33.28 17.04
CA PRO C 120 -19.81 -34.29 16.66
C PRO C 120 -19.15 -33.99 15.31
N PRO C 121 -17.96 -34.58 15.07
CA PRO C 121 -17.20 -34.50 13.82
C PRO C 121 -18.04 -34.96 12.65
N GLY C 122 -18.02 -34.20 11.56
CA GLY C 122 -19.00 -34.35 10.49
C GLY C 122 -20.05 -33.27 10.68
N MET C 123 -21.32 -33.68 10.70
CA MET C 123 -22.44 -32.81 11.04
C MET C 123 -22.61 -31.56 10.13
N PRO C 124 -23.87 -31.29 9.73
CA PRO C 124 -24.13 -30.11 8.88
C PRO C 124 -23.86 -28.81 9.62
N CYS C 125 -22.73 -28.16 9.32
CA CYS C 125 -22.48 -26.84 9.87
C CYS C 125 -22.16 -25.81 8.79
N TRP C 126 -22.79 -24.65 8.90
CA TRP C 126 -22.58 -23.55 7.96
C TRP C 126 -22.01 -22.32 8.65
N VAL C 127 -21.03 -21.67 8.02
CA VAL C 127 -20.62 -20.35 8.48
C VAL C 127 -20.88 -19.33 7.37
N THR C 128 -21.21 -18.10 7.76
CA THR C 128 -21.56 -17.06 6.80
C THR C 128 -20.90 -15.73 7.14
N GLY C 129 -20.92 -14.79 6.21
CA GLY C 129 -20.36 -13.46 6.45
C GLY C 129 -19.96 -12.68 5.20
N TRP C 130 -19.41 -11.50 5.40
CA TRP C 130 -18.98 -10.65 4.28
C TRP C 130 -17.47 -10.47 4.28
N GLY C 131 -16.74 -11.43 4.87
CA GLY C 131 -15.28 -11.32 4.97
C GLY C 131 -14.54 -11.69 3.69
N ASP C 132 -13.22 -11.68 3.76
CA ASP C 132 -12.36 -12.05 2.66
C ASP C 132 -12.66 -13.44 2.12
N VAL C 133 -12.39 -13.63 0.82
CA VAL C 133 -12.66 -14.89 0.16
C VAL C 133 -11.41 -15.76 0.04
N ASP C 134 -10.30 -15.25 0.55
CA ASP C 134 -9.06 -16.01 0.62
C ASP C 134 -8.05 -15.20 1.41
N ASN C 135 -6.88 -15.78 1.61
CA ASN C 135 -5.82 -15.04 2.29
C ASN C 135 -5.48 -13.78 1.51
N ASP C 136 -5.66 -12.63 2.15
CA ASP C 136 -5.44 -11.30 1.55
C ASP C 136 -6.22 -11.04 0.26
N GLU C 137 -7.50 -11.38 0.26
CA GLU C 137 -8.35 -11.14 -0.89
C GLU C 137 -9.75 -10.71 -0.48
N ARG C 138 -10.05 -9.43 -0.69
CA ARG C 138 -11.30 -8.88 -0.25
C ARG C 138 -12.47 -9.44 -1.05
N LEU C 139 -13.58 -9.63 -0.36
CA LEU C 139 -14.87 -9.81 -1.00
C LEU C 139 -15.13 -8.67 -2.00
N PRO C 140 -15.29 -9.00 -3.29
CA PRO C 140 -15.53 -7.93 -4.26
C PRO C 140 -16.96 -7.39 -4.20
N PRO C 141 -17.17 -6.18 -4.75
CA PRO C 141 -18.48 -5.55 -4.97
C PRO C 141 -19.34 -6.46 -5.86
N PRO C 142 -20.67 -6.47 -5.68
CA PRO C 142 -21.46 -5.68 -4.74
C PRO C 142 -21.53 -6.27 -3.33
N PHE C 143 -20.52 -7.03 -2.92
CA PHE C 143 -20.42 -7.54 -1.55
C PHE C 143 -21.63 -8.38 -1.13
N PRO C 144 -21.83 -9.52 -1.79
CA PRO C 144 -22.94 -10.39 -1.39
C PRO C 144 -22.59 -11.16 -0.11
N LEU C 145 -23.58 -11.44 0.72
CA LEU C 145 -23.34 -12.29 1.86
C LEU C 145 -22.98 -13.71 1.37
N LYS C 146 -22.03 -14.36 2.03
CA LYS C 146 -21.58 -15.66 1.57
C LYS C 146 -21.83 -16.74 2.63
N GLN C 147 -22.04 -17.98 2.18
CA GLN C 147 -22.22 -19.11 3.09
C GLN C 147 -21.28 -20.21 2.68
N VAL C 148 -20.90 -21.07 3.63
CA VAL C 148 -20.11 -22.25 3.29
C VAL C 148 -20.29 -23.36 4.32
N LYS C 149 -20.54 -24.58 3.82
CA LYS C 149 -20.66 -25.73 4.69
C LYS C 149 -19.27 -26.16 5.15
N VAL C 150 -19.10 -26.31 6.46
CA VAL C 150 -17.82 -26.70 7.05
C VAL C 150 -17.94 -27.89 8.00
N PRO C 151 -17.07 -28.88 7.82
CA PRO C 151 -17.05 -30.04 8.70
C PRO C 151 -16.43 -29.72 10.07
N ILE C 152 -17.15 -30.03 11.14
CA ILE C 152 -16.58 -29.96 12.47
C ILE C 152 -15.44 -30.96 12.62
N MET C 153 -14.38 -30.53 13.32
CA MET C 153 -13.30 -31.43 13.71
C MET C 153 -13.17 -31.41 15.22
N GLU C 154 -13.32 -32.59 15.83
CA GLU C 154 -13.17 -32.79 17.28
C GLU C 154 -11.97 -32.04 17.85
N ASN C 155 -12.16 -31.45 19.04
CA ASN C 155 -11.15 -30.59 19.64
C ASN C 155 -9.75 -31.18 19.76
N HIS C 156 -9.66 -32.43 20.20
CA HIS C 156 -8.38 -33.10 20.40
C HIS C 156 -7.72 -33.39 19.07
N ILE C 157 -8.49 -33.85 18.10
CA ILE C 157 -7.99 -34.11 16.77
C ILE C 157 -7.44 -32.82 16.18
N CYS C 158 -8.18 -31.74 16.41
CA CYS C 158 -7.84 -30.43 15.88
C CYS C 158 -6.59 -29.85 16.53
N ASP C 159 -6.49 -29.98 17.84
CA ASP C 159 -5.32 -29.51 18.54
C ASP C 159 -4.07 -30.23 18.08
N ALA C 160 -4.20 -31.49 17.67
CA ALA C 160 -3.03 -32.21 17.21
C ALA C 160 -2.62 -31.72 15.82
N LYS C 161 -3.61 -31.50 14.94
CA LYS C 161 -3.34 -30.86 13.65
C LYS C 161 -2.52 -29.58 13.87
N TYR C 162 -2.91 -28.79 14.87
CA TYR C 162 -2.28 -27.51 15.12
C TYR C 162 -0.84 -27.63 15.57
N HIS C 163 -0.46 -28.78 16.11
CA HIS C 163 0.93 -29.02 16.49
C HIS C 163 1.82 -29.50 15.33
N LEU C 164 1.21 -29.89 14.21
CA LEU C 164 1.99 -30.30 13.03
C LEU C 164 2.69 -29.12 12.39
N GLY C 165 4.02 -29.18 12.28
CA GLY C 165 4.78 -28.12 11.67
C GLY C 165 4.95 -26.96 12.61
N ALA C 166 4.81 -27.25 13.91
CA ALA C 166 4.89 -26.24 14.95
C ALA C 166 5.98 -26.60 15.94
N TYR C 167 6.52 -25.62 16.67
CA TYR C 167 7.55 -25.86 17.69
C TYR C 167 6.94 -26.21 19.05
N THR C 168 5.65 -25.90 19.20
CA THR C 168 4.93 -25.98 20.46
C THR C 168 4.82 -27.42 20.93
N GLY C 169 5.15 -27.64 22.21
CA GLY C 169 5.11 -28.93 22.84
C GLY C 169 3.74 -29.57 22.77
N ASP C 170 3.74 -30.88 22.53
CA ASP C 170 2.51 -31.65 22.42
C ASP C 170 1.70 -31.61 23.70
N ASP C 171 2.35 -31.26 24.81
CA ASP C 171 1.66 -31.12 26.09
C ASP C 171 1.01 -29.74 26.23
N VAL C 172 1.42 -28.81 25.40
CA VAL C 172 0.83 -27.48 25.42
C VAL C 172 -0.37 -27.49 24.49
N ARG C 173 -1.53 -27.08 24.98
CA ARG C 173 -2.70 -27.11 24.10
C ARG C 173 -3.04 -25.76 23.51
N ILE C 174 -3.29 -25.78 22.20
CA ILE C 174 -3.53 -24.58 21.43
C ILE C 174 -5.04 -24.36 21.30
N VAL C 175 -5.77 -25.42 20.99
CA VAL C 175 -7.23 -25.36 20.96
C VAL C 175 -7.81 -25.65 22.35
N ARG C 176 -8.46 -24.64 22.93
CA ARG C 176 -8.94 -24.71 24.30
C ARG C 176 -10.35 -25.30 24.36
N ASP C 177 -10.80 -25.61 25.58
CA ASP C 177 -12.11 -26.21 25.80
C ASP C 177 -13.25 -25.26 25.47
N ASP C 178 -12.98 -23.96 25.53
CA ASP C 178 -14.00 -22.99 25.14
C ASP C 178 -13.97 -22.72 23.64
N MET C 179 -13.18 -23.50 22.91
CA MET C 179 -13.03 -23.29 21.46
C MET C 179 -13.54 -24.51 20.71
N LEU C 180 -13.71 -24.38 19.40
CA LEU C 180 -14.29 -25.42 18.57
C LEU C 180 -13.69 -25.28 17.16
N CYS C 181 -13.35 -26.40 16.52
CA CYS C 181 -12.76 -26.40 15.17
C CYS C 181 -13.72 -26.77 14.06
N ALA C 182 -13.63 -26.05 12.94
CA ALA C 182 -14.41 -26.40 11.75
C ALA C 182 -13.66 -25.99 10.49
N GLY C 183 -14.04 -26.59 9.36
CA GLY C 183 -13.48 -26.19 8.08
C GLY C 183 -12.26 -26.97 7.65
N ASN C 184 -11.88 -26.82 6.39
CA ASN C 184 -10.72 -27.49 5.85
C ASN C 184 -9.98 -26.58 4.89
N THR C 185 -9.27 -27.21 3.94
CA THR C 185 -8.42 -26.50 3.01
C THR C 185 -9.19 -25.91 1.82
N ARG C 186 -10.44 -26.30 1.68
CA ARG C 186 -11.30 -25.73 0.64
C ARG C 186 -12.41 -24.84 1.21
N ARG C 187 -12.71 -25.01 2.49
CA ARG C 187 -13.89 -24.40 3.05
C ARG C 187 -13.62 -23.85 4.44
N ASP C 188 -13.83 -22.55 4.61
CA ASP C 188 -13.37 -21.89 5.82
C ASP C 188 -13.93 -20.46 5.91
N SER C 189 -13.75 -19.86 7.08
CA SER C 189 -14.12 -18.48 7.34
C SER C 189 -12.83 -17.68 7.26
N CYS C 190 -12.96 -16.36 7.13
CA CYS C 190 -11.78 -15.53 7.01
C CYS C 190 -11.96 -14.13 7.61
N GLN C 191 -10.90 -13.33 7.58
CA GLN C 191 -10.93 -11.97 8.10
C GLN C 191 -12.21 -11.20 7.71
N GLY C 192 -12.88 -10.63 8.71
CA GLY C 192 -14.13 -9.94 8.48
C GLY C 192 -15.35 -10.83 8.64
N ASP C 193 -15.12 -12.15 8.70
CA ASP C 193 -16.16 -13.07 9.14
C ASP C 193 -16.16 -13.16 10.67
N SER C 194 -15.08 -12.68 11.29
CA SER C 194 -14.96 -12.71 12.74
C SER C 194 -16.24 -12.22 13.39
N GLY C 195 -16.64 -12.91 14.46
CA GLY C 195 -17.81 -12.52 15.24
C GLY C 195 -19.11 -13.06 14.70
N GLY C 196 -19.04 -13.66 13.50
CA GLY C 196 -20.23 -14.20 12.87
C GLY C 196 -20.60 -15.58 13.37
N PRO C 197 -21.73 -16.12 12.89
CA PRO C 197 -22.23 -17.40 13.39
C PRO C 197 -21.71 -18.61 12.62
N LEU C 198 -21.36 -19.65 13.38
CA LEU C 198 -21.31 -21.02 12.88
C LEU C 198 -22.60 -21.73 13.32
N VAL C 199 -23.46 -22.08 12.37
CA VAL C 199 -24.73 -22.76 12.71
C VAL C 199 -24.84 -24.22 12.22
N CYS C 200 -25.50 -25.06 13.02
CA CYS C 200 -25.76 -26.44 12.62
C CYS C 200 -27.23 -26.80 12.77
N LYS C 201 -27.74 -27.57 11.82
CA LYS C 201 -29.11 -28.06 11.90
C LYS C 201 -29.13 -29.31 12.79
N VAL C 202 -29.94 -29.25 13.85
CA VAL C 202 -30.05 -30.36 14.81
C VAL C 202 -31.52 -30.66 15.09
N ASN C 203 -31.99 -31.81 14.58
CA ASN C 203 -33.42 -32.16 14.66
C ASN C 203 -34.29 -31.09 14.02
N GLY C 204 -33.85 -30.55 12.89
CA GLY C 204 -34.60 -29.50 12.22
C GLY C 204 -34.58 -28.13 12.88
N THR C 205 -33.55 -27.86 13.67
CA THR C 205 -33.37 -26.53 14.26
C THR C 205 -31.96 -26.00 14.04
N TRP C 206 -31.86 -24.76 13.56
CA TRP C 206 -30.56 -24.12 13.44
C TRP C 206 -30.09 -23.66 14.81
N LEU C 207 -28.95 -24.17 15.25
CA LEU C 207 -28.39 -23.78 16.53
C LEU C 207 -27.07 -23.07 16.27
N GLN C 208 -26.74 -22.07 17.08
CA GLN C 208 -25.43 -21.46 16.93
C GLN C 208 -24.41 -22.12 17.80
N ALA C 209 -23.56 -22.93 17.20
CA ALA C 209 -22.51 -23.63 17.90
C ALA C 209 -21.29 -22.74 18.23
N GLY C 210 -20.98 -21.81 17.33
CA GLY C 210 -19.74 -21.06 17.47
C GLY C 210 -19.80 -19.62 17.04
N VAL C 211 -18.81 -18.86 17.48
CA VAL C 211 -18.58 -17.52 16.95
C VAL C 211 -17.24 -17.54 16.22
N VAL C 212 -17.19 -16.98 15.01
CA VAL C 212 -15.94 -16.98 14.25
C VAL C 212 -14.91 -16.21 15.07
N SER C 213 -13.77 -16.85 15.34
CA SER C 213 -12.85 -16.31 16.34
C SER C 213 -11.47 -16.06 15.79
N TRP C 214 -10.78 -17.13 15.38
CA TRP C 214 -9.46 -16.99 14.83
C TRP C 214 -8.98 -18.23 14.08
N GLY C 215 -7.73 -18.18 13.64
CA GLY C 215 -7.10 -19.31 13.01
C GLY C 215 -5.74 -18.92 12.49
N GLU C 216 -4.99 -19.90 12.03
CA GLU C 216 -3.71 -19.62 11.41
C GLU C 216 -3.94 -19.49 9.91
N GLY C 217 -4.10 -18.26 9.42
CA GLY C 217 -4.53 -18.06 8.06
C GLY C 217 -5.93 -18.59 7.75
N CYS C 218 -6.23 -18.69 6.46
CA CYS C 218 -7.54 -19.17 6.01
C CYS C 218 -7.36 -20.34 5.05
N ALA C 219 -8.13 -21.41 5.31
CA ALA C 219 -8.05 -22.65 4.54
C ALA C 219 -6.62 -23.16 4.31
N GLN C 220 -5.78 -23.12 5.34
CA GLN C 220 -4.40 -23.60 5.28
C GLN C 220 -4.21 -25.02 5.80
N PRO C 221 -3.36 -25.81 5.13
CA PRO C 221 -3.13 -27.21 5.49
C PRO C 221 -2.94 -27.41 6.99
N ASN C 222 -3.75 -28.29 7.58
CA ASN C 222 -3.69 -28.58 9.00
C ASN C 222 -3.99 -27.40 9.95
N ARG C 223 -4.67 -26.36 9.47
CA ARG C 223 -5.01 -25.25 10.33
C ARG C 223 -6.48 -24.92 10.18
N PRO C 224 -7.35 -25.79 10.69
CA PRO C 224 -8.80 -25.52 10.61
C PRO C 224 -9.18 -24.21 11.30
N GLY C 225 -10.35 -23.67 10.94
CA GLY C 225 -10.87 -22.49 11.60
C GLY C 225 -11.23 -22.75 13.06
N ILE C 226 -10.94 -21.77 13.91
CA ILE C 226 -11.30 -21.87 15.33
C ILE C 226 -12.46 -20.95 15.71
N TYR C 227 -13.36 -21.44 16.56
CA TYR C 227 -14.55 -20.70 16.91
C TYR C 227 -14.68 -20.67 18.41
N THR C 228 -15.32 -19.64 18.94
CA THR C 228 -15.66 -19.65 20.35
C THR C 228 -16.82 -20.60 20.47
N ARG C 229 -16.69 -21.54 21.40
CA ARG C 229 -17.75 -22.50 21.66
C ARG C 229 -18.84 -21.82 22.47
N VAL C 230 -20.02 -21.68 21.87
CA VAL C 230 -21.13 -20.99 22.51
C VAL C 230 -21.57 -21.64 23.82
N THR C 231 -21.68 -22.98 23.86
CA THR C 231 -22.17 -23.69 25.05
C THR C 231 -21.40 -23.29 26.28
N TYR C 232 -20.12 -22.97 26.09
CA TYR C 232 -19.22 -22.69 27.21
C TYR C 232 -19.55 -21.35 27.90
N TYR C 233 -20.18 -20.44 27.17
CA TYR C 233 -20.53 -19.13 27.71
C TYR C 233 -22.04 -18.88 27.83
N LEU C 234 -22.83 -19.94 27.71
CA LEU C 234 -24.27 -19.83 27.93
C LEU C 234 -24.65 -19.06 29.21
N ASP C 235 -24.04 -19.44 30.34
CA ASP C 235 -24.35 -18.79 31.61
C ASP C 235 -24.03 -17.30 31.56
N TRP C 236 -22.82 -16.98 31.08
CA TRP C 236 -22.43 -15.59 30.90
C TRP C 236 -23.45 -14.84 30.05
N ILE C 237 -23.82 -15.46 28.94
CA ILE C 237 -24.72 -14.84 28.00
C ILE C 237 -26.07 -14.55 28.68
N HIS C 238 -26.55 -15.54 29.45
CA HIS C 238 -27.90 -15.45 30.00
C HIS C 238 -27.96 -14.52 31.19
N HIS C 239 -26.81 -14.11 31.67
CA HIS C 239 -26.78 -13.10 32.72
C HIS C 239 -27.21 -11.73 32.18
N TYR C 240 -27.20 -11.59 30.86
CA TYR C 240 -27.42 -10.31 30.23
C TYR C 240 -28.62 -10.34 29.29
N VAL C 241 -28.85 -11.49 28.66
CA VAL C 241 -29.91 -11.64 27.67
C VAL C 241 -31.09 -12.48 28.14
N PRO C 242 -32.29 -11.88 28.13
CA PRO C 242 -33.53 -12.59 28.49
C PRO C 242 -33.77 -13.84 27.64
N LYS C 243 -34.22 -14.91 28.26
N ILE D 1 17.94 0.77 -12.69
CA ILE D 1 18.52 0.24 -13.91
C ILE D 1 18.09 -1.19 -14.11
N VAL D 2 17.55 -1.53 -15.29
CA VAL D 2 17.22 -2.92 -15.61
C VAL D 2 18.41 -3.66 -16.23
N GLY D 3 18.79 -4.79 -15.65
CA GLY D 3 19.91 -5.56 -16.14
C GLY D 3 21.22 -4.91 -15.72
N GLY D 4 22.26 -5.12 -16.49
CA GLY D 4 23.57 -4.62 -16.12
C GLY D 4 24.12 -5.15 -14.80
N GLN D 5 24.73 -4.26 -14.06
CA GLN D 5 25.62 -4.68 -12.98
C GLN D 5 25.98 -3.52 -12.05
N GLU D 6 26.35 -3.83 -10.82
CA GLU D 6 26.84 -2.83 -9.89
C GLU D 6 28.04 -2.14 -10.54
N ALA D 7 28.05 -0.81 -10.52
CA ALA D 7 29.17 -0.06 -11.07
C ALA D 7 30.43 -0.25 -10.21
N PRO D 8 31.59 -0.33 -10.86
CA PRO D 8 32.89 -0.38 -10.17
C PRO D 8 33.16 0.98 -9.55
N ARG D 9 33.85 1.02 -8.42
CA ARG D 9 34.01 2.26 -7.67
C ARG D 9 34.71 3.39 -8.44
N SER D 10 35.40 3.03 -9.52
CA SER D 10 36.19 4.01 -10.26
C SER D 10 35.46 4.57 -11.49
N LYS D 11 34.19 4.21 -11.66
CA LYS D 11 33.47 4.59 -12.85
C LYS D 11 32.47 5.69 -12.56
N TRP D 12 32.14 6.43 -13.61
CA TRP D 12 31.12 7.47 -13.57
C TRP D 12 31.28 8.40 -12.35
N PRO D 13 32.43 9.10 -12.27
CA PRO D 13 32.62 10.04 -11.15
C PRO D 13 31.72 11.29 -11.26
N TRP D 14 30.99 11.44 -12.36
CA TRP D 14 30.08 12.58 -12.54
C TRP D 14 28.65 12.27 -12.11
N GLN D 15 28.37 11.03 -11.68
CA GLN D 15 27.01 10.69 -11.28
C GLN D 15 26.66 11.42 -9.98
N VAL D 16 25.49 12.05 -9.94
CA VAL D 16 25.00 12.66 -8.71
C VAL D 16 23.58 12.17 -8.40
N SER D 17 23.20 12.28 -7.13
CA SER D 17 21.87 11.88 -6.65
C SER D 17 21.07 13.11 -6.15
N LEU D 18 19.81 13.22 -6.55
CA LEU D 18 18.95 14.33 -6.10
C LEU D 18 18.09 13.90 -4.90
N ARG D 19 18.10 14.71 -3.84
CA ARG D 19 17.41 14.38 -2.61
C ARG D 19 16.34 15.41 -2.26
N VAL D 20 15.16 14.94 -1.89
CA VAL D 20 14.11 15.83 -1.42
C VAL D 20 13.94 15.62 0.10
N HIS D 21 13.66 16.72 0.80
CA HIS D 21 13.55 16.68 2.25
C HIS D 21 12.28 15.99 2.72
N GLY D 22 12.43 15.00 3.57
CA GLY D 22 11.32 14.27 4.15
C GLY D 22 11.79 13.71 5.48
N PRO D 23 11.24 12.56 5.89
CA PRO D 23 11.69 11.89 7.12
C PRO D 23 13.19 11.56 7.04
N TYR D 24 13.69 11.47 5.82
CA TYR D 24 15.13 11.42 5.57
C TYR D 24 15.29 12.05 4.19
N TRP D 25 16.54 12.37 3.80
CA TRP D 25 16.79 13.01 2.51
C TRP D 25 16.76 12.00 1.37
N MET D 26 15.58 11.78 0.83
CA MET D 26 15.36 10.65 -0.07
C MET D 26 15.74 10.91 -1.55
N HIS D 27 16.41 9.92 -2.14
CA HIS D 27 16.72 9.95 -3.56
C HIS D 27 15.45 9.91 -4.40
N PHE D 28 15.35 10.80 -5.38
CA PHE D 28 14.22 10.77 -6.30
C PHE D 28 14.60 10.81 -7.78
N CYS D 29 15.86 11.19 -8.08
CA CYS D 29 16.33 11.37 -9.44
C CYS D 29 17.86 11.40 -9.46
N GLY D 30 18.44 11.14 -10.61
CA GLY D 30 19.85 11.33 -10.79
C GLY D 30 20.10 12.63 -11.54
N GLY D 31 21.38 12.96 -11.65
CA GLY D 31 21.85 14.08 -12.44
C GLY D 31 23.31 13.83 -12.74
N SER D 32 23.94 14.71 -13.50
CA SER D 32 25.37 14.58 -13.71
C SER D 32 26.08 15.88 -13.45
N LEU D 33 27.34 15.79 -13.06
CA LEU D 33 28.17 16.95 -12.81
C LEU D 33 28.85 17.36 -14.12
N ILE D 34 28.47 18.51 -14.68
CA ILE D 34 29.02 18.92 -15.98
C ILE D 34 29.93 20.13 -15.87
N HIS D 35 29.94 20.70 -14.68
CA HIS D 35 30.79 21.82 -14.34
C HIS D 35 30.87 21.70 -12.83
N PRO D 36 31.98 22.13 -12.23
CA PRO D 36 32.16 21.99 -10.79
C PRO D 36 31.04 22.67 -9.98
N GLN D 37 30.31 23.60 -10.59
CA GLN D 37 29.22 24.30 -9.90
C GLN D 37 27.83 24.07 -10.53
N TRP D 38 27.75 23.23 -11.56
CA TRP D 38 26.49 22.97 -12.25
C TRP D 38 26.17 21.48 -12.36
N VAL D 39 24.90 21.13 -12.17
CA VAL D 39 24.48 19.75 -12.37
C VAL D 39 23.35 19.66 -13.38
N LEU D 40 23.49 18.72 -14.31
CA LEU D 40 22.55 18.52 -15.38
C LEU D 40 21.62 17.40 -14.94
N THR D 41 20.32 17.62 -15.12
CA THR D 41 19.31 16.64 -14.78
C THR D 41 18.11 16.84 -15.74
N ALA D 42 17.02 16.08 -15.52
CA ALA D 42 15.79 16.26 -16.30
C ALA D 42 14.83 17.30 -15.67
N ALA D 43 14.17 18.08 -16.52
CA ALA D 43 13.15 19.03 -16.08
C ALA D 43 12.02 18.37 -15.30
N HIS D 44 11.57 17.18 -15.74
CA HIS D 44 10.40 16.54 -15.12
C HIS D 44 10.71 16.07 -13.70
N CYS D 45 11.99 16.06 -13.34
CA CYS D 45 12.39 15.77 -11.96
C CYS D 45 12.08 16.92 -10.99
N VAL D 46 12.02 18.15 -11.50
CA VAL D 46 11.95 19.32 -10.63
C VAL D 46 10.95 20.33 -11.17
N GLY D 47 10.08 19.87 -12.08
CA GLY D 47 9.08 20.71 -12.70
C GLY D 47 7.91 19.87 -13.21
N PRO D 48 6.93 20.52 -13.83
CA PRO D 48 6.93 21.94 -14.22
C PRO D 48 6.57 22.89 -13.09
N ASP D 49 6.02 22.34 -12.00
CA ASP D 49 5.67 23.15 -10.83
C ASP D 49 6.92 23.60 -10.06
N VAL D 50 6.98 24.89 -9.74
CA VAL D 50 8.11 25.45 -9.04
C VAL D 50 8.24 24.89 -7.62
N LYS D 51 9.46 24.54 -7.23
CA LYS D 51 9.66 24.00 -5.89
C LYS D 51 10.55 24.89 -5.05
N ASP D 52 10.64 24.54 -3.77
CA ASP D 52 11.40 25.29 -2.78
C ASP D 52 12.85 24.78 -2.81
N LEU D 53 13.82 25.67 -2.99
CA LEU D 53 15.23 25.24 -2.96
C LEU D 53 15.61 24.54 -1.66
N ALA D 54 15.13 25.10 -0.53
CA ALA D 54 15.37 24.54 0.78
C ALA D 54 15.13 23.03 0.88
N ALA D 55 14.11 22.54 0.20
CA ALA D 55 13.72 21.12 0.28
C ALA D 55 14.48 20.21 -0.69
N LEU D 56 15.57 20.73 -1.24
CA LEU D 56 16.35 19.99 -2.22
C LEU D 56 17.85 19.98 -1.86
N ARG D 57 18.46 18.82 -2.05
CA ARG D 57 19.89 18.66 -1.83
C ARG D 57 20.48 17.80 -2.93
N VAL D 58 21.78 17.89 -3.11
CA VAL D 58 22.50 17.12 -4.12
C VAL D 58 23.60 16.29 -3.44
N GLN D 59 23.72 15.03 -3.85
CA GLN D 59 24.75 14.16 -3.30
C GLN D 59 25.68 13.72 -4.42
N LEU D 60 26.99 13.92 -4.23
CA LEU D 60 27.96 13.54 -5.25
C LEU D 60 28.20 12.03 -5.29
N ARG D 61 28.98 11.58 -6.25
CA ARG D 61 29.17 10.15 -6.51
C ARG D 61 29.43 9.37 -5.24
N GLU D 62 28.56 8.40 -5.02
CA GLU D 62 28.53 7.50 -3.87
C GLU D 62 28.39 6.10 -4.46
N GLN D 63 29.01 5.11 -3.84
CA GLN D 63 28.85 3.76 -4.32
C GLN D 63 27.56 3.13 -3.78
N HIS D 64 27.14 3.58 -2.60
CA HIS D 64 25.97 3.05 -1.91
C HIS D 64 25.13 4.15 -1.31
N LEU D 65 23.92 4.37 -1.86
CA LEU D 65 23.10 5.50 -1.45
C LEU D 65 22.99 5.64 0.05
N TYR D 66 23.12 6.87 0.53
CA TYR D 66 22.80 7.23 1.92
C TYR D 66 23.91 6.97 2.95
N TYR D 67 24.86 6.10 2.62
CA TYR D 67 25.82 5.66 3.63
C TYR D 67 26.88 6.69 4.03
N GLN D 68 27.48 7.38 3.06
CA GLN D 68 28.42 8.44 3.43
C GLN D 68 27.95 9.81 2.94
N ASP D 69 26.71 10.16 3.26
CA ASP D 69 26.07 11.33 2.70
C ASP D 69 26.75 12.63 3.09
N GLN D 70 26.91 13.49 2.10
CA GLN D 70 27.47 14.80 2.27
C GLN D 70 26.66 15.73 1.40
N LEU D 71 25.43 15.99 1.84
CA LEU D 71 24.47 16.74 1.05
C LEU D 71 24.90 18.16 0.76
N LEU D 72 24.70 18.58 -0.49
CA LEU D 72 25.07 19.91 -0.95
C LEU D 72 23.82 20.70 -1.35
N PRO D 73 23.68 21.91 -0.79
CA PRO D 73 22.56 22.81 -1.11
C PRO D 73 22.70 23.45 -2.50
N VAL D 74 21.59 23.87 -3.07
CA VAL D 74 21.63 24.49 -4.39
C VAL D 74 21.02 25.88 -4.35
N SER D 75 21.62 26.79 -5.11
CA SER D 75 21.22 28.19 -5.10
C SER D 75 20.28 28.48 -6.25
N ARG D 76 20.40 27.70 -7.31
CA ARG D 76 19.55 27.90 -8.48
C ARG D 76 19.06 26.63 -9.16
N ILE D 77 17.79 26.68 -9.58
CA ILE D 77 17.19 25.64 -10.38
C ILE D 77 16.69 26.31 -11.66
N ILE D 78 17.28 25.94 -12.78
CA ILE D 78 16.80 26.45 -14.06
C ILE D 78 16.22 25.33 -14.90
N VAL D 79 15.01 25.56 -15.39
CA VAL D 79 14.26 24.54 -16.09
C VAL D 79 13.95 25.10 -17.47
N HIS D 80 14.22 24.33 -18.51
CA HIS D 80 13.96 24.79 -19.86
C HIS D 80 12.52 25.29 -20.00
N PRO D 81 12.36 26.52 -20.50
CA PRO D 81 11.02 27.12 -20.52
C PRO D 81 10.06 26.42 -21.47
N GLN D 82 10.58 25.59 -22.36
CA GLN D 82 9.73 24.94 -23.33
C GLN D 82 9.11 23.65 -22.74
N PHE D 83 9.49 23.32 -21.51
CA PHE D 83 9.05 22.07 -20.88
C PHE D 83 7.73 22.10 -20.15
N TYR D 84 6.87 21.15 -20.48
CA TYR D 84 5.70 20.89 -19.68
C TYR D 84 5.60 19.40 -19.30
N THR D 85 5.72 18.50 -20.26
CA THR D 85 5.80 17.08 -19.94
C THR D 85 6.94 16.43 -20.70
N ALA D 86 7.36 15.26 -20.22
CA ALA D 86 8.41 14.51 -20.89
C ALA D 86 8.07 14.15 -22.36
N GLN D 87 6.79 13.87 -22.64
CA GLN D 87 6.39 13.47 -24.00
C GLN D 87 6.46 14.63 -24.98
N ILE D 88 6.17 15.82 -24.51
CA ILE D 88 6.22 17.00 -25.36
C ILE D 88 7.66 17.43 -25.63
N GLY D 89 8.54 17.18 -24.66
CA GLY D 89 9.96 17.41 -24.86
C GLY D 89 10.56 18.54 -24.05
N ALA D 90 11.81 18.89 -24.40
CA ALA D 90 12.59 19.88 -23.65
C ALA D 90 12.77 19.48 -22.17
N ASP D 91 12.86 18.17 -21.94
CA ASP D 91 12.99 17.58 -20.60
C ASP D 91 14.42 17.69 -20.11
N ILE D 92 14.81 18.88 -19.69
CA ILE D 92 16.18 19.12 -19.29
C ILE D 92 16.24 20.30 -18.34
N ALA D 93 17.00 20.19 -17.26
CA ALA D 93 17.15 21.30 -16.33
C ALA D 93 18.57 21.43 -15.81
N LEU D 94 18.86 22.56 -15.17
CA LEU D 94 20.18 22.81 -14.55
C LEU D 94 20.05 23.18 -13.08
N LEU D 95 20.98 22.67 -12.27
CA LEU D 95 21.04 23.05 -10.86
C LEU D 95 22.38 23.73 -10.59
N GLU D 96 22.33 24.97 -10.12
CA GLU D 96 23.54 25.65 -9.68
C GLU D 96 23.81 25.29 -8.23
N LEU D 97 24.94 24.66 -7.98
CA LEU D 97 25.37 24.43 -6.62
C LEU D 97 25.67 25.79 -6.01
N GLU D 98 25.31 25.93 -4.75
CA GLU D 98 25.54 27.16 -4.01
C GLU D 98 27.05 27.44 -3.95
N GLU D 99 27.84 26.36 -3.95
CA GLU D 99 29.28 26.43 -3.87
C GLU D 99 29.89 25.46 -4.89
N PRO D 100 31.02 25.84 -5.51
CA PRO D 100 31.73 24.93 -6.42
C PRO D 100 32.26 23.66 -5.73
N VAL D 101 32.47 22.60 -6.49
CA VAL D 101 32.98 21.34 -5.96
C VAL D 101 34.50 21.26 -6.05
N LYS D 102 35.14 20.69 -5.03
CA LYS D 102 36.57 20.42 -5.07
C LYS D 102 36.91 19.17 -5.88
N VAL D 103 36.84 19.29 -7.21
CA VAL D 103 37.09 18.20 -8.16
C VAL D 103 38.17 17.17 -7.74
N SER D 104 37.74 16.03 -7.21
CA SER D 104 38.65 14.95 -6.81
C SER D 104 38.95 14.07 -8.01
N SER D 105 39.52 12.89 -7.74
CA SER D 105 39.69 11.91 -8.81
C SER D 105 38.47 11.02 -8.85
N HIS D 106 37.78 10.93 -7.72
CA HIS D 106 36.55 10.16 -7.64
C HIS D 106 35.33 11.02 -7.97
N VAL D 107 35.59 12.29 -8.28
CA VAL D 107 34.52 13.23 -8.60
C VAL D 107 34.97 14.27 -9.62
N HIS D 108 34.57 14.09 -10.87
CA HIS D 108 34.77 15.15 -11.85
C HIS D 108 33.70 15.22 -12.94
N THR D 109 33.66 16.37 -13.61
CA THR D 109 32.65 16.64 -14.60
C THR D 109 32.75 15.66 -15.75
N VAL D 110 31.62 15.45 -16.39
CA VAL D 110 31.53 14.67 -17.61
C VAL D 110 31.60 15.68 -18.76
N THR D 111 32.06 15.23 -19.92
CA THR D 111 32.17 16.11 -21.08
C THR D 111 30.88 16.08 -21.91
N LEU D 112 30.44 17.25 -22.34
CA LEU D 112 29.29 17.34 -23.22
C LEU D 112 29.77 17.01 -24.62
N PRO D 113 28.87 16.49 -25.46
CA PRO D 113 29.24 16.15 -26.84
C PRO D 113 29.29 17.38 -27.74
N PRO D 114 30.18 17.36 -28.75
CA PRO D 114 30.15 18.40 -29.77
C PRO D 114 28.81 18.37 -30.50
N ALA D 115 28.38 19.52 -30.99
CA ALA D 115 27.13 19.62 -31.74
C ALA D 115 27.02 18.59 -32.89
N SER D 116 28.16 18.10 -33.36
CA SER D 116 28.21 17.28 -34.58
C SER D 116 27.90 15.81 -34.34
N GLU D 117 27.86 15.38 -33.08
CA GLU D 117 27.81 13.95 -32.77
C GLU D 117 26.39 13.45 -32.60
N THR D 118 26.05 12.40 -33.32
CA THR D 118 24.69 11.92 -33.38
C THR D 118 24.53 10.56 -32.70
N PHE D 119 25.65 9.98 -32.31
CA PHE D 119 25.65 8.71 -31.59
C PHE D 119 24.87 7.66 -32.36
N PRO D 120 25.46 7.16 -33.45
CA PRO D 120 24.89 6.13 -34.31
C PRO D 120 24.71 4.84 -33.55
N PRO D 121 23.90 3.91 -34.08
CA PRO D 121 23.86 2.55 -33.55
C PRO D 121 25.26 1.94 -33.56
N GLY D 122 25.59 1.18 -32.52
CA GLY D 122 26.85 0.45 -32.46
C GLY D 122 27.84 1.03 -31.46
N MET D 123 27.61 2.27 -31.03
CA MET D 123 28.47 2.93 -30.07
C MET D 123 28.32 2.33 -28.68
N PRO D 124 29.46 2.18 -27.97
CA PRO D 124 29.44 1.67 -26.59
C PRO D 124 28.82 2.70 -25.65
N CYS D 125 27.54 2.51 -25.26
CA CYS D 125 26.90 3.44 -24.35
C CYS D 125 26.41 2.79 -23.06
N TRP D 126 26.54 3.54 -21.97
CA TRP D 126 26.02 3.10 -20.69
C TRP D 126 25.07 4.13 -20.12
N VAL D 127 24.13 3.64 -19.33
CA VAL D 127 23.33 4.50 -18.47
C VAL D 127 23.52 3.94 -17.06
N THR D 128 23.56 4.83 -16.08
CA THR D 128 23.87 4.45 -14.70
C THR D 128 22.80 5.11 -13.79
N GLY D 129 22.65 4.62 -12.56
CA GLY D 129 21.68 5.22 -11.66
C GLY D 129 21.29 4.35 -10.48
N TRP D 130 20.42 4.86 -9.62
CA TRP D 130 19.94 4.09 -8.48
C TRP D 130 18.44 3.77 -8.57
N GLY D 131 17.87 3.78 -9.76
CA GLY D 131 16.45 3.56 -9.93
C GLY D 131 16.06 2.11 -9.81
N ASP D 132 14.78 1.84 -10.01
CA ASP D 132 14.22 0.49 -10.00
C ASP D 132 14.94 -0.47 -10.94
N VAL D 133 15.07 -1.71 -10.48
CA VAL D 133 15.72 -2.78 -11.23
C VAL D 133 14.73 -3.50 -12.17
N ASP D 134 13.46 -3.12 -12.09
CA ASP D 134 12.44 -3.57 -13.02
C ASP D 134 11.15 -2.79 -12.72
N ASN D 135 10.13 -2.98 -13.56
CA ASN D 135 8.83 -2.37 -13.35
C ASN D 135 8.31 -2.67 -11.94
N ASP D 136 8.01 -1.62 -11.19
CA ASP D 136 7.53 -1.71 -9.80
C ASP D 136 8.39 -2.62 -8.92
N GLU D 137 9.71 -2.46 -9.00
CA GLU D 137 10.64 -3.32 -8.26
C GLU D 137 11.83 -2.47 -7.81
N ARG D 138 11.84 -2.04 -6.57
CA ARG D 138 12.88 -1.12 -6.07
C ARG D 138 14.29 -1.73 -6.10
N LEU D 139 15.28 -0.86 -6.20
CA LEU D 139 16.65 -1.25 -5.93
C LEU D 139 16.75 -1.57 -4.44
N PRO D 140 17.21 -2.79 -4.11
CA PRO D 140 17.28 -3.23 -2.72
C PRO D 140 18.49 -2.59 -2.05
N PRO D 141 18.48 -2.47 -0.71
CA PRO D 141 19.63 -2.07 0.13
C PRO D 141 20.80 -3.00 -0.15
N PRO D 142 22.05 -2.51 -0.12
CA PRO D 142 22.51 -1.16 0.26
C PRO D 142 22.56 -0.15 -0.88
N PHE D 143 21.77 -0.35 -1.92
CA PHE D 143 21.64 0.67 -2.98
C PHE D 143 22.93 0.97 -3.75
N PRO D 144 23.51 -0.06 -4.39
CA PRO D 144 24.71 0.09 -5.22
C PRO D 144 24.37 0.82 -6.51
N LEU D 145 25.15 1.82 -6.89
CA LEU D 145 24.96 2.44 -8.20
C LEU D 145 25.06 1.32 -9.25
N LYS D 146 24.05 1.20 -10.11
CA LYS D 146 24.10 0.22 -11.19
C LYS D 146 24.49 0.87 -12.53
N GLN D 147 24.94 0.04 -13.47
CA GLN D 147 25.21 0.48 -14.82
C GLN D 147 24.63 -0.55 -15.80
N VAL D 148 24.24 -0.10 -16.98
CA VAL D 148 23.89 -1.04 -18.02
C VAL D 148 24.34 -0.49 -19.39
N LYS D 149 24.87 -1.39 -20.21
CA LYS D 149 25.23 -1.08 -21.58
C LYS D 149 23.96 -1.17 -22.39
N VAL D 150 23.71 -0.14 -23.18
CA VAL D 150 22.44 -0.04 -23.86
C VAL D 150 22.65 0.20 -25.35
N PRO D 151 21.94 -0.57 -26.19
CA PRO D 151 22.09 -0.37 -27.63
C PRO D 151 21.30 0.85 -28.12
N ILE D 152 21.98 1.80 -28.74
CA ILE D 152 21.31 2.94 -29.35
C ILE D 152 20.50 2.54 -30.57
N MET D 153 19.32 3.13 -30.70
CA MET D 153 18.44 2.88 -31.82
C MET D 153 18.13 4.20 -32.49
N GLU D 154 18.21 4.23 -33.82
CA GLU D 154 17.99 5.43 -34.63
C GLU D 154 16.57 5.98 -34.45
N ASN D 155 16.43 7.30 -34.32
CA ASN D 155 15.15 7.93 -33.96
C ASN D 155 13.96 7.49 -34.80
N HIS D 156 14.17 7.41 -36.11
CA HIS D 156 13.05 7.15 -37.01
C HIS D 156 12.53 5.73 -36.79
N ILE D 157 13.45 4.81 -36.56
CA ILE D 157 13.11 3.44 -36.29
C ILE D 157 12.48 3.28 -34.90
N CYS D 158 13.03 4.01 -33.94
CA CYS D 158 12.49 3.99 -32.58
C CYS D 158 11.07 4.53 -32.56
N ASP D 159 10.86 5.65 -33.27
CA ASP D 159 9.58 6.33 -33.35
C ASP D 159 8.53 5.39 -33.93
N ALA D 160 8.94 4.57 -34.89
CA ALA D 160 8.03 3.66 -35.54
C ALA D 160 7.70 2.49 -34.63
N LYS D 161 8.67 2.06 -33.84
CA LYS D 161 8.42 0.96 -32.91
C LYS D 161 7.39 1.38 -31.86
N TYR D 162 7.45 2.65 -31.47
CA TYR D 162 6.50 3.18 -30.48
C TYR D 162 5.06 3.16 -30.97
N HIS D 163 4.88 3.13 -32.29
CA HIS D 163 3.55 2.95 -32.87
C HIS D 163 3.03 1.51 -32.86
N LEU D 164 3.91 0.52 -32.72
CA LEU D 164 3.47 -0.87 -32.82
C LEU D 164 2.52 -1.15 -31.68
N GLY D 165 1.36 -1.73 -32.00
CA GLY D 165 0.37 -2.05 -30.99
C GLY D 165 -0.31 -0.83 -30.37
N ALA D 166 -0.27 0.30 -31.06
CA ALA D 166 -0.89 1.51 -30.55
C ALA D 166 -1.88 2.09 -31.55
N TYR D 167 -2.78 2.92 -31.07
CA TYR D 167 -3.80 3.52 -31.93
C TYR D 167 -3.24 4.72 -32.70
N THR D 168 -2.12 5.24 -32.21
CA THR D 168 -1.57 6.47 -32.74
C THR D 168 -1.17 6.36 -34.21
N GLY D 169 -1.55 7.38 -34.97
CA GLY D 169 -1.26 7.41 -36.40
C GLY D 169 0.22 7.47 -36.67
N ASP D 170 0.63 6.72 -37.69
CA ASP D 170 2.04 6.61 -38.07
C ASP D 170 2.68 7.97 -38.38
N ASP D 171 1.83 8.89 -38.83
CA ASP D 171 2.21 10.24 -39.18
C ASP D 171 2.46 11.13 -37.96
N VAL D 172 1.97 10.71 -36.80
CA VAL D 172 2.15 11.48 -35.57
C VAL D 172 3.47 11.09 -34.93
N ARG D 173 4.41 12.03 -34.81
CA ARG D 173 5.68 11.68 -34.19
C ARG D 173 5.60 11.56 -32.68
N ILE D 174 6.00 10.39 -32.17
CA ILE D 174 6.00 10.15 -30.75
C ILE D 174 7.37 10.44 -30.16
N VAL D 175 8.40 10.12 -30.93
CA VAL D 175 9.77 10.31 -30.51
C VAL D 175 10.31 11.51 -31.29
N ARG D 176 10.60 12.60 -30.58
CA ARG D 176 10.97 13.88 -31.20
C ARG D 176 12.47 13.99 -31.54
N ASP D 177 12.80 15.00 -32.34
CA ASP D 177 14.18 15.27 -32.76
C ASP D 177 15.11 15.60 -31.60
N ASP D 178 14.54 16.13 -30.52
CA ASP D 178 15.32 16.49 -29.36
C ASP D 178 15.40 15.32 -28.39
N MET D 179 14.93 14.15 -28.83
CA MET D 179 15.09 12.94 -28.02
C MET D 179 16.05 11.97 -28.72
N LEU D 180 16.38 10.88 -28.03
CA LEU D 180 17.30 9.84 -28.47
C LEU D 180 16.83 8.55 -27.81
N CYS D 181 17.00 7.40 -28.47
CA CYS D 181 16.53 6.15 -27.91
C CYS D 181 17.67 5.19 -27.66
N ALA D 182 17.55 4.40 -26.59
CA ALA D 182 18.52 3.36 -26.29
C ALA D 182 17.89 2.29 -25.40
N GLY D 183 18.32 1.05 -25.58
CA GLY D 183 17.92 -0.04 -24.70
C GLY D 183 17.03 -1.07 -25.36
N ASN D 184 16.92 -2.24 -24.71
CA ASN D 184 16.03 -3.31 -25.14
C ASN D 184 15.37 -3.98 -23.93
N THR D 185 14.88 -5.19 -24.11
CA THR D 185 14.08 -5.83 -23.06
C THR D 185 14.89 -6.49 -21.96
N ARG D 186 16.21 -6.35 -22.01
CA ARG D 186 17.08 -6.83 -20.94
C ARG D 186 17.94 -5.70 -20.40
N ARG D 187 17.96 -4.58 -21.13
CA ARG D 187 18.80 -3.44 -20.77
C ARG D 187 18.02 -2.14 -20.90
N ASP D 188 17.90 -1.41 -19.79
CA ASP D 188 17.14 -0.17 -19.79
C ASP D 188 17.34 0.64 -18.50
N SER D 189 16.96 1.91 -18.56
CA SER D 189 16.82 2.74 -17.37
C SER D 189 15.40 2.57 -16.80
N CYS D 190 15.14 3.03 -15.58
CA CYS D 190 13.78 2.97 -15.01
C CYS D 190 13.48 4.13 -14.09
N GLN D 191 12.29 4.09 -13.50
CA GLN D 191 11.89 5.06 -12.47
C GLN D 191 12.98 5.20 -11.40
N GLY D 192 13.40 6.43 -11.12
CA GLY D 192 14.52 6.63 -10.21
C GLY D 192 15.84 6.89 -10.93
N ASP D 193 15.88 6.56 -12.21
CA ASP D 193 17.03 6.92 -13.04
C ASP D 193 16.86 8.27 -13.74
N SER D 194 15.62 8.77 -13.86
CA SER D 194 15.36 10.04 -14.54
C SER D 194 16.37 11.12 -14.17
N GLY D 195 16.86 11.84 -15.16
CA GLY D 195 17.81 12.90 -14.88
C GLY D 195 19.26 12.48 -15.00
N GLY D 196 19.54 11.20 -14.78
CA GLY D 196 20.90 10.71 -14.90
C GLY D 196 21.44 10.65 -16.33
N PRO D 197 22.73 10.35 -16.45
CA PRO D 197 23.47 10.39 -17.71
C PRO D 197 23.43 9.10 -18.54
N LEU D 198 23.26 9.28 -19.85
CA LEU D 198 23.60 8.27 -20.83
C LEU D 198 24.95 8.71 -21.39
N VAL D 199 25.98 7.91 -21.21
CA VAL D 199 27.29 8.30 -21.71
C VAL D 199 27.85 7.33 -22.74
N CYS D 200 28.54 7.87 -23.72
CA CYS D 200 29.17 7.05 -24.74
C CYS D 200 30.68 7.27 -24.76
N LYS D 201 31.42 6.23 -25.09
CA LYS D 201 32.86 6.31 -25.21
C LYS D 201 33.24 6.64 -26.65
N VAL D 202 33.66 7.87 -26.88
CA VAL D 202 34.03 8.32 -28.22
C VAL D 202 35.47 8.83 -28.30
N ASN D 203 36.27 8.21 -29.15
CA ASN D 203 37.63 8.66 -29.40
C ASN D 203 38.42 8.89 -28.10
N GLY D 204 38.32 7.93 -27.20
CA GLY D 204 39.01 8.02 -25.92
C GLY D 204 38.27 8.78 -24.83
N THR D 205 37.26 9.59 -25.18
CA THR D 205 36.57 10.34 -24.14
C THR D 205 35.09 9.98 -23.94
N TRP D 206 34.63 10.04 -22.69
CA TRP D 206 33.23 9.86 -22.33
C TRP D 206 32.44 11.12 -22.60
N LEU D 207 31.42 11.00 -23.45
CA LEU D 207 30.54 12.13 -23.74
C LEU D 207 29.14 11.79 -23.22
N GLN D 208 28.41 12.78 -22.72
CA GLN D 208 27.02 12.52 -22.31
C GLN D 208 26.06 12.73 -23.47
N ALA D 209 25.66 11.64 -24.11
CA ALA D 209 24.69 11.69 -25.19
C ALA D 209 23.30 12.09 -24.72
N GLY D 210 22.94 11.71 -23.49
CA GLY D 210 21.54 11.78 -23.09
C GLY D 210 21.22 11.95 -21.62
N VAL D 211 20.03 12.46 -21.35
CA VAL D 211 19.49 12.57 -20.01
C VAL D 211 18.26 11.67 -19.94
N VAL D 212 18.24 10.75 -18.97
CA VAL D 212 17.14 9.81 -18.79
C VAL D 212 15.84 10.56 -18.65
N SER D 213 14.89 10.25 -19.54
CA SER D 213 13.67 11.04 -19.69
C SER D 213 12.39 10.26 -19.43
N TRP D 214 12.02 9.36 -20.32
CA TRP D 214 10.76 8.62 -20.20
C TRP D 214 10.73 7.34 -21.00
N GLY D 215 9.59 6.67 -20.99
CA GLY D 215 9.35 5.50 -21.81
C GLY D 215 8.05 4.86 -21.39
N GLU D 216 7.58 3.90 -22.16
CA GLU D 216 6.43 3.12 -21.73
C GLU D 216 6.92 1.95 -20.89
N GLY D 217 6.85 2.10 -19.58
CA GLY D 217 7.46 1.12 -18.69
C GLY D 217 8.96 1.01 -18.96
N CYS D 218 9.55 -0.08 -18.48
CA CYS D 218 10.98 -0.31 -18.58
C CYS D 218 11.23 -1.67 -19.21
N ALA D 219 12.15 -1.72 -20.17
CA ALA D 219 12.50 -2.99 -20.83
C ALA D 219 11.30 -3.76 -21.42
N GLN D 220 10.25 -3.04 -21.80
CA GLN D 220 9.08 -3.60 -22.48
C GLN D 220 9.35 -3.80 -23.98
N PRO D 221 8.74 -4.84 -24.58
CA PRO D 221 8.87 -5.08 -26.03
C PRO D 221 8.50 -3.86 -26.90
N ASN D 222 9.31 -3.58 -27.90
CA ASN D 222 9.09 -2.43 -28.78
C ASN D 222 8.92 -1.08 -28.08
N ARG D 223 9.49 -0.95 -26.87
CA ARG D 223 9.47 0.33 -26.14
C ARG D 223 10.84 0.70 -25.49
N PRO D 224 11.82 1.04 -26.32
CA PRO D 224 13.15 1.45 -25.82
C PRO D 224 13.10 2.74 -24.98
N GLY D 225 14.08 2.91 -24.10
CA GLY D 225 14.21 4.13 -23.31
C GLY D 225 14.41 5.40 -24.12
N ILE D 226 13.75 6.47 -23.71
CA ILE D 226 13.91 7.77 -24.35
C ILE D 226 14.72 8.71 -23.48
N TYR D 227 15.73 9.32 -24.10
CA TYR D 227 16.58 10.30 -23.46
C TYR D 227 16.42 11.64 -24.13
N THR D 228 16.71 12.70 -23.37
CA THR D 228 16.79 14.03 -23.95
C THR D 228 18.11 14.09 -24.66
N ARG D 229 18.07 14.51 -25.91
CA ARG D 229 19.25 14.63 -26.75
C ARG D 229 20.06 15.85 -26.32
N VAL D 230 21.19 15.60 -25.66
CA VAL D 230 22.01 16.69 -25.12
C VAL D 230 22.43 17.74 -26.17
N THR D 231 22.90 17.27 -27.34
CA THR D 231 23.36 18.17 -28.41
C THR D 231 22.30 19.18 -28.81
N TYR D 232 21.05 18.80 -28.69
CA TYR D 232 19.94 19.66 -29.08
C TYR D 232 19.83 20.91 -28.20
N TYR D 233 20.34 20.87 -26.97
CA TYR D 233 20.20 22.01 -26.07
C TYR D 233 21.54 22.58 -25.61
N LEU D 234 22.59 22.41 -26.40
CA LEU D 234 23.89 22.96 -26.05
C LEU D 234 23.85 24.47 -25.83
N ASP D 235 23.22 25.20 -26.76
CA ASP D 235 23.10 26.66 -26.64
C ASP D 235 22.47 27.00 -25.31
N TRP D 236 21.37 26.32 -25.00
CA TRP D 236 20.64 26.62 -23.80
C TRP D 236 21.53 26.42 -22.58
N ILE D 237 22.19 25.26 -22.54
CA ILE D 237 23.12 24.93 -21.48
C ILE D 237 24.24 25.95 -21.35
N HIS D 238 24.86 26.29 -22.48
CA HIS D 238 25.97 27.23 -22.46
C HIS D 238 25.54 28.63 -22.10
N HIS D 239 24.25 28.92 -22.18
CA HIS D 239 23.80 30.22 -21.73
C HIS D 239 24.06 30.40 -20.23
N TYR D 240 24.07 29.30 -19.49
CA TYR D 240 24.19 29.37 -18.04
C TYR D 240 25.51 28.82 -17.53
N VAL D 241 26.05 27.82 -18.21
CA VAL D 241 27.17 27.05 -17.70
C VAL D 241 28.44 27.34 -18.49
N PRO D 242 29.44 27.94 -17.83
CA PRO D 242 30.71 28.34 -18.47
C PRO D 242 31.40 27.16 -19.19
N LYS D 243 31.84 27.38 -20.43
C4 11M E . 8.08 -4.68 19.52
C5 11M E . 8.09 -3.96 20.78
C6 11M E . 6.82 -3.49 21.38
C8 11M E . 5.24 -5.03 17.17
C10 11M E . 3.72 -5.99 19.16
C13 11M E . 2.26 -3.80 17.68
C15 11M E . 4.47 -4.82 18.46
C17 11M E . 0.42 -4.77 19.04
C22 11M E . -1.72 -7.57 21.00
C24 11M E . -2.27 -9.29 19.08
C26 11M E . -1.28 -8.67 16.73
C1 11M E . 5.54 -3.73 20.72
C2 11M E . 5.54 -4.44 19.48
C3 11M E . 6.84 -4.90 18.87
O13 11M E . 6.50 -5.58 17.62
C11 11M E . 2.39 -6.25 18.42
N22 11M E . 1.63 -4.98 18.26
C14 11M E . 3.63 -3.50 18.33
O61 11M E . -0.14 -3.72 19.02
C30 11M E . 6.88 -2.73 22.72
N64 11M E . 6.84 -1.30 22.44
C39 11M E . -0.36 -5.98 19.55
C41 11M E . -0.86 -7.15 18.67
C42 11M E . -1.71 -8.14 19.62
S44 11M E . -0.86 -6.17 21.01
C25 11M E . -2.09 -9.60 17.64
C27 11M E . -0.67 -7.44 17.32
S59 11M E . -2.53 -8.26 22.44
C29 11M E . -4.06 -7.31 22.75
C4 11M F . -9.43 13.27 -13.97
C5 11M F . -9.85 14.66 -13.95
C6 11M F . -8.87 15.73 -13.66
C8 11M F . -6.21 11.86 -12.78
C10 11M F . -4.84 13.62 -14.31
C13 11M F . -3.79 13.43 -11.52
C15 11M F . -5.76 13.27 -13.10
C17 11M F . -1.98 14.76 -12.63
C22 11M F . 0.29 16.05 -15.68
C24 11M F . 1.47 13.84 -16.50
C26 11M F . 0.81 11.71 -15.10
C1 11M F . -7.48 15.39 -13.37
C2 11M F . -7.07 14.02 -13.39
C3 11M F . -8.07 12.94 -13.67
O13 11M F . -7.37 11.65 -13.61
C11 11M F . -3.39 13.16 -14.00
N22 11M F . -2.95 13.66 -12.68
C14 11M F . -5.23 13.92 -11.78
O61 11M F . -1.94 15.49 -11.71
C30 11M F . -9.33 17.20 -13.61
N64 11M F . -9.31 17.67 -12.20
C39 11M F . -1.05 15.00 -13.80
C41 11M F . -0.22 13.89 -14.49
C42 11M F . 0.62 14.59 -15.69
S44 11M F . -0.78 16.38 -14.47
C25 11M F . 1.59 12.38 -16.25
C27 11M F . -0.10 12.53 -14.26
S59 11M F . 1.00 17.24 -16.84
C29 11M F . 2.17 18.33 -15.95
C4 11M G . -11.16 -15.03 10.82
C5 11M G . -11.33 -16.48 10.72
C6 11M G . -10.15 -17.36 10.73
C8 11M G . -8.00 -13.11 10.52
C10 11M G . -6.90 -14.69 12.42
C13 11M G . -5.02 -14.39 10.10
C15 11M G . -7.43 -14.45 10.97
C17 11M G . -3.53 -15.45 11.85
C22 11M G . -2.14 -16.26 15.52
C24 11M G . -1.52 -13.86 16.44
C26 11M G . -2.02 -11.92 14.79
C1 11M G . -8.81 -16.81 10.80
C2 11M G . -8.63 -15.38 10.90
C3 11M G . -9.85 -14.49 10.89
O13 11M G . -9.37 -13.10 10.99
C11 11M G . -5.50 -14.05 12.56
N22 11M G . -4.59 -14.52 11.50
C14 11M G . -6.44 -14.97 9.89
O61 11M G . -2.99 -16.16 11.05
C30 11M G . -10.36 -18.89 10.59
N64 11M G . -10.09 -19.28 9.20
C39 11M G . -3.02 -15.49 13.28
C41 11M G . -2.56 -14.24 14.07
C42 11M G . -2.00 -14.77 15.51
S44 11M G . -2.78 -16.78 14.11
C25 11M G . -1.50 -12.40 16.14
C27 11M G . -2.54 -12.88 13.79
S59 11M G . -1.61 -17.33 16.87
C29 11M G . -0.01 -18.03 16.33
C4 11M H . 12.52 6.24 -16.35
C5 11M H . 13.07 5.61 -17.54
C6 11M H . 12.16 4.96 -18.51
C8 11M H . 9.09 5.91 -15.03
C10 11M H . 8.15 6.83 -17.37
C13 11M H . 6.60 4.46 -16.41
C15 11M H . 8.80 5.71 -16.49
C17 11M H . 5.28 5.21 -18.38
C22 11M H . 3.62 7.78 -21.00
C24 11M H . 2.31 9.40 -19.38
C26 11M H . 2.54 8.82 -16.83
C1 11M H . 10.73 4.96 -18.29
C2 11M H . 10.19 5.58 -17.11
C3 11M H . 11.11 6.21 -16.13
O13 11M H . 10.28 6.72 -15.04
C11 11M H . 6.62 6.89 -17.10
N22 11M H . 6.01 5.56 -17.16
C14 11M H . 8.12 4.32 -16.70
O61 11M H . 5.03 4.08 -18.61
C30 11M H . 12.74 4.29 -19.76
N64 11M H . 13.07 2.91 -19.44
C39 11M H . 4.59 6.30 -19.16
C41 11M H . 3.72 7.39 -18.51
C42 11M H . 3.13 8.32 -19.70
S44 11M H . 4.57 6.47 -20.71
C25 11M H . 1.99 9.69 -17.95
C27 11M H . 3.42 7.67 -17.17
S59 11M H . 3.19 8.44 -22.64
C29 11M H . 2.26 7.15 -23.54
#